data_7MN2
#
_entry.id   7MN2
#
_entity_poly.entity_id   1
_entity_poly.type   'polypeptide(L)'
_entity_poly.pdbx_seq_one_letter_code
;GIYTVKIVLNPKTNKGELTTEAVDAATALKNFGAKAQDVGVDGAWTYSDPTKTFPVGYRLIFKVEMPEDRVNDLARQLRQ
RDNVSRVEVTRYK
;
_entity_poly.pdbx_strand_id   A
#
# COMPACT_ATOMS: atom_id res chain seq x y z
N GLY A 1 16.62 4.05 -1.56
CA GLY A 1 15.64 4.86 -2.28
C GLY A 1 14.29 4.83 -1.58
N ILE A 2 13.39 5.71 -2.02
CA ILE A 2 12.04 5.78 -1.44
C ILE A 2 10.98 5.57 -2.51
N TYR A 3 10.09 4.61 -2.26
CA TYR A 3 8.99 4.34 -3.18
C TYR A 3 7.63 4.53 -2.50
N THR A 4 6.67 5.03 -3.26
CA THR A 4 5.33 5.27 -2.73
C THR A 4 4.30 4.37 -3.40
N VAL A 5 3.38 3.83 -2.61
CA VAL A 5 2.36 2.94 -3.12
C VAL A 5 0.96 3.52 -2.91
N LYS A 6 0.25 3.74 -4.01
CA LYS A 6 -1.07 4.34 -3.96
C LYS A 6 -2.17 3.31 -4.21
N ILE A 7 -2.97 3.05 -3.18
CA ILE A 7 -4.06 2.09 -3.29
C ILE A 7 -5.37 2.78 -3.62
N VAL A 8 -6.10 2.23 -4.59
CA VAL A 8 -7.49 2.62 -4.82
C VAL A 8 -8.45 1.48 -4.47
N LEU A 9 -9.33 1.74 -3.51
CA LEU A 9 -10.20 0.71 -2.98
C LEU A 9 -11.61 0.83 -3.56
N ASN A 10 -12.32 -0.30 -3.63
CA ASN A 10 -13.73 -0.29 -3.95
C ASN A 10 -14.52 0.56 -2.96
N PRO A 11 -15.62 1.14 -3.43
CA PRO A 11 -16.46 1.98 -2.59
C PRO A 11 -17.20 1.15 -1.55
N LYS A 12 -17.16 -0.16 -1.71
CA LYS A 12 -17.84 -1.07 -0.80
C LYS A 12 -17.01 -1.33 0.45
N THR A 13 -15.78 -0.80 0.46
CA THR A 13 -14.88 -0.97 1.60
C THR A 13 -15.18 0.07 2.67
N ASN A 14 -14.49 -0.05 3.80
CA ASN A 14 -14.67 0.87 4.92
C ASN A 14 -13.34 1.41 5.42
N LYS A 15 -13.39 2.53 6.13
CA LYS A 15 -12.18 3.15 6.67
C LYS A 15 -11.52 2.27 7.73
N GLY A 16 -12.32 1.40 8.34
CA GLY A 16 -11.82 0.44 9.33
C GLY A 16 -11.17 -0.75 8.64
N GLU A 17 -11.37 -0.86 7.34
CA GLU A 17 -10.79 -1.96 6.57
C GLU A 17 -9.51 -1.54 5.88
N LEU A 18 -9.15 -0.27 6.02
CA LEU A 18 -7.90 0.26 5.47
C LEU A 18 -6.70 -0.47 6.06
N THR A 19 -6.87 -1.03 7.25
CA THR A 19 -5.81 -1.78 7.91
C THR A 19 -5.85 -3.25 7.54
N THR A 20 -7.01 -3.70 7.04
CA THR A 20 -7.16 -5.08 6.60
C THR A 20 -6.90 -5.21 5.10
N GLU A 21 -6.85 -4.07 4.42
CA GLU A 21 -6.51 -4.05 3.00
C GLU A 21 -5.01 -3.88 2.79
N ALA A 22 -4.40 -3.03 3.61
CA ALA A 22 -2.97 -2.77 3.51
C ALA A 22 -2.15 -3.92 4.07
N VAL A 23 -2.83 -4.85 4.74
CA VAL A 23 -2.15 -5.95 5.41
C VAL A 23 -1.54 -6.92 4.40
N ASP A 24 -2.04 -6.87 3.17
CA ASP A 24 -1.42 -7.59 2.06
C ASP A 24 -0.03 -7.05 1.75
N ALA A 25 0.13 -5.74 1.93
CA ALA A 25 1.45 -5.11 1.83
C ALA A 25 2.28 -5.39 3.07
N ALA A 26 1.62 -5.45 4.22
CA ALA A 26 2.28 -5.84 5.47
C ALA A 26 2.81 -7.27 5.38
N THR A 27 2.04 -8.14 4.73
CA THR A 27 2.47 -9.52 4.51
C THR A 27 3.49 -9.61 3.37
N ALA A 28 3.27 -8.83 2.32
CA ALA A 28 4.25 -8.68 1.25
C ALA A 28 5.60 -8.23 1.79
N LEU A 29 5.58 -7.15 2.58
CA LEU A 29 6.79 -6.68 3.24
C LEU A 29 7.36 -7.74 4.19
N LYS A 30 6.47 -8.40 4.92
CA LYS A 30 6.87 -9.48 5.80
C LYS A 30 7.59 -10.57 5.04
N ASN A 31 7.12 -10.87 3.83
CA ASN A 31 7.75 -11.87 2.98
C ASN A 31 9.03 -11.33 2.35
N PHE A 32 9.07 -10.02 2.14
CA PHE A 32 10.24 -9.37 1.56
C PHE A 32 11.37 -9.26 2.58
N GLY A 33 11.00 -9.18 3.86
CA GLY A 33 11.98 -9.21 4.94
C GLY A 33 11.94 -7.93 5.75
N ALA A 34 10.91 -7.11 5.52
CA ALA A 34 10.76 -5.85 6.24
C ALA A 34 9.86 -6.02 7.45
N LYS A 35 10.39 -5.75 8.63
CA LYS A 35 9.65 -5.90 9.87
C LYS A 35 9.69 -4.61 10.69
N ALA A 36 8.90 -4.57 11.76
CA ALA A 36 8.94 -3.45 12.69
C ALA A 36 10.28 -3.37 13.42
N GLN A 37 10.94 -4.51 13.54
CA GLN A 37 12.23 -4.57 14.23
C GLN A 37 13.29 -3.79 13.48
N ASP A 38 13.26 -3.88 12.15
CA ASP A 38 14.20 -3.15 11.32
C ASP A 38 13.50 -2.07 10.49
N VAL A 39 12.47 -1.47 11.08
CA VAL A 39 11.75 -0.39 10.42
C VAL A 39 12.64 0.83 10.25
N GLY A 40 13.71 0.90 11.03
CA GLY A 40 14.71 1.95 10.88
C GLY A 40 15.37 1.88 9.51
N VAL A 41 15.37 0.69 8.91
CA VAL A 41 15.91 0.51 7.57
C VAL A 41 14.86 0.81 6.51
N ASP A 42 13.70 0.16 6.63
CA ASP A 42 12.60 0.40 5.70
C ASP A 42 11.68 1.50 6.20
N GLY A 43 11.79 2.67 5.57
CA GLY A 43 11.03 3.84 6.00
C GLY A 43 9.57 3.73 5.60
N ALA A 44 8.82 2.92 6.33
CA ALA A 44 7.40 2.70 6.04
C ALA A 44 6.55 3.79 6.65
N TRP A 45 5.53 4.23 5.91
CA TRP A 45 4.56 5.19 6.43
C TRP A 45 3.22 5.03 5.74
N THR A 46 2.16 4.84 6.54
CA THR A 46 0.83 4.59 5.99
C THR A 46 -0.12 5.73 6.33
N TYR A 47 -0.86 6.20 5.33
CA TYR A 47 -1.85 7.23 5.53
C TYR A 47 -2.94 7.17 4.46
N SER A 48 -4.10 7.74 4.77
CA SER A 48 -5.21 7.76 3.83
C SER A 48 -5.04 8.85 2.78
N ASP A 49 -5.75 8.71 1.67
CA ASP A 49 -5.65 9.67 0.57
C ASP A 49 -6.70 10.78 0.72
N PRO A 50 -6.23 12.00 0.97
CA PRO A 50 -7.12 13.13 1.21
C PRO A 50 -7.65 13.71 -0.09
N THR A 51 -7.05 13.28 -1.20
CA THR A 51 -7.34 13.89 -2.49
C THR A 51 -8.04 12.91 -3.42
N LYS A 52 -8.94 12.11 -2.84
CA LYS A 52 -9.78 11.21 -3.63
C LYS A 52 -10.63 11.98 -4.63
N THR A 53 -10.95 11.34 -5.74
CA THR A 53 -11.79 11.95 -6.76
C THR A 53 -13.19 11.32 -6.77
N PHE A 54 -13.32 10.18 -6.10
CA PHE A 54 -14.63 9.58 -5.87
C PHE A 54 -15.01 9.61 -4.39
N PRO A 55 -15.92 10.51 -4.05
CA PRO A 55 -16.34 10.68 -2.66
C PRO A 55 -16.81 9.35 -2.06
N VAL A 56 -17.49 8.55 -2.87
CA VAL A 56 -18.03 7.28 -2.42
C VAL A 56 -16.95 6.21 -2.34
N GLY A 57 -15.87 6.41 -3.08
CA GLY A 57 -14.76 5.46 -3.11
C GLY A 57 -13.79 5.71 -1.98
N TYR A 58 -12.78 4.85 -1.86
CA TYR A 58 -11.75 5.00 -0.85
C TYR A 58 -10.35 4.87 -1.46
N ARG A 59 -9.40 5.60 -0.88
CA ARG A 59 -8.02 5.55 -1.36
C ARG A 59 -7.04 5.55 -0.20
N LEU A 60 -6.00 4.73 -0.31
CA LEU A 60 -5.05 4.55 0.78
C LEU A 60 -3.61 4.56 0.27
N ILE A 61 -2.79 5.44 0.81
CA ILE A 61 -1.45 5.65 0.30
C ILE A 61 -0.41 5.45 1.40
N PHE A 62 0.67 4.73 1.07
CA PHE A 62 1.73 4.47 2.02
C PHE A 62 3.08 4.38 1.33
N LYS A 63 4.14 4.75 2.03
CA LYS A 63 5.49 4.76 1.47
C LYS A 63 6.33 3.63 2.04
N VAL A 64 7.21 3.08 1.21
CA VAL A 64 8.22 2.14 1.69
C VAL A 64 9.60 2.48 1.12
N GLU A 65 10.62 1.80 1.64
CA GLU A 65 11.96 1.90 1.06
C GLU A 65 12.50 0.52 0.68
N MET A 66 11.88 -0.08 -0.35
CA MET A 66 12.30 -1.39 -0.82
C MET A 66 12.60 -1.37 -2.32
N PRO A 67 13.37 -2.35 -2.78
CA PRO A 67 13.71 -2.46 -4.18
C PRO A 67 12.46 -2.44 -5.06
N GLU A 68 12.52 -1.66 -6.13
CA GLU A 68 11.37 -1.52 -7.04
C GLU A 68 10.87 -2.89 -7.49
N ASP A 69 11.79 -3.83 -7.65
CA ASP A 69 11.44 -5.15 -8.18
C ASP A 69 10.37 -5.82 -7.33
N ARG A 70 10.35 -5.49 -6.05
CA ARG A 70 9.44 -6.14 -5.11
C ARG A 70 8.41 -5.15 -4.55
N VAL A 71 8.60 -3.88 -4.87
CA VAL A 71 7.59 -2.87 -4.62
C VAL A 71 6.46 -2.95 -5.65
N ASN A 72 6.81 -3.40 -6.85
CA ASN A 72 5.80 -3.74 -7.86
C ASN A 72 4.96 -4.93 -7.41
N ASP A 73 5.58 -5.86 -6.70
CA ASP A 73 4.87 -6.99 -6.12
C ASP A 73 4.16 -6.59 -4.83
N LEU A 74 4.76 -5.69 -4.07
CA LEU A 74 4.08 -5.02 -2.98
C LEU A 74 2.71 -4.51 -3.41
N ALA A 75 2.69 -3.77 -4.51
CA ALA A 75 1.44 -3.26 -5.06
C ALA A 75 0.60 -4.38 -5.67
N ARG A 76 1.27 -5.33 -6.30
CA ARG A 76 0.59 -6.44 -6.97
C ARG A 76 -0.25 -7.23 -5.97
N GLN A 77 0.34 -7.53 -4.81
CA GLN A 77 -0.35 -8.29 -3.78
C GLN A 77 -1.55 -7.51 -3.24
N LEU A 78 -1.42 -6.20 -3.17
CA LEU A 78 -2.53 -5.34 -2.77
C LEU A 78 -3.66 -5.38 -3.79
N ARG A 79 -3.36 -4.99 -5.01
CA ARG A 79 -4.37 -4.90 -6.06
C ARG A 79 -4.95 -6.27 -6.38
N GLN A 80 -4.23 -7.32 -6.00
CA GLN A 80 -4.69 -8.69 -6.23
C GLN A 80 -6.01 -8.96 -5.53
N ARG A 81 -6.21 -8.29 -4.40
CA ARG A 81 -7.42 -8.49 -3.60
C ARG A 81 -8.64 -7.86 -4.27
N ASP A 82 -9.75 -8.59 -4.27
CA ASP A 82 -10.94 -8.16 -4.98
C ASP A 82 -11.49 -6.85 -4.41
N ASN A 83 -11.29 -6.64 -3.12
CA ASN A 83 -11.73 -5.42 -2.46
C ASN A 83 -11.05 -4.20 -3.05
N VAL A 84 -9.85 -4.39 -3.61
CA VAL A 84 -9.06 -3.30 -4.14
C VAL A 84 -9.37 -3.06 -5.61
N SER A 85 -9.58 -1.80 -5.97
CA SER A 85 -9.80 -1.42 -7.36
C SER A 85 -8.52 -1.51 -8.17
N ARG A 86 -7.48 -0.84 -7.69
CA ARG A 86 -6.18 -0.88 -8.34
C ARG A 86 -5.10 -0.24 -7.47
N VAL A 87 -3.87 -0.72 -7.60
CA VAL A 87 -2.75 -0.17 -6.86
C VAL A 87 -1.59 0.16 -7.78
N GLU A 88 -1.08 1.39 -7.68
CA GLU A 88 -0.02 1.85 -8.56
C GLU A 88 1.15 2.41 -7.75
N VAL A 89 2.37 2.14 -8.24
CA VAL A 89 3.58 2.57 -7.54
C VAL A 89 4.16 3.82 -8.18
N THR A 90 4.60 4.76 -7.34
CA THR A 90 5.33 5.92 -7.81
C THR A 90 6.61 6.13 -7.00
N ARG A 91 7.74 6.23 -7.70
CA ARG A 91 9.03 6.43 -7.05
C ARG A 91 9.16 7.85 -6.52
N TYR A 92 9.68 7.98 -5.30
CA TYR A 92 9.81 9.27 -4.65
C TYR A 92 11.26 9.74 -4.66
N LYS A 93 12.17 8.86 -4.25
CA LYS A 93 13.59 9.20 -4.17
C LYS A 93 14.45 8.12 -4.81
N GLY A 1 15.70 1.97 -1.46
CA GLY A 1 14.96 3.10 -1.99
C GLY A 1 13.57 3.18 -1.38
N ILE A 2 12.96 4.36 -1.47
CA ILE A 2 11.63 4.58 -0.91
C ILE A 2 10.60 4.74 -2.01
N TYR A 3 9.52 3.96 -1.93
CA TYR A 3 8.45 4.02 -2.93
C TYR A 3 7.12 4.38 -2.28
N THR A 4 6.31 5.15 -3.00
CA THR A 4 5.01 5.58 -2.49
C THR A 4 3.88 4.84 -3.17
N VAL A 5 3.05 4.16 -2.38
CA VAL A 5 2.03 3.27 -2.91
C VAL A 5 0.66 3.94 -2.94
N LYS A 6 0.15 4.15 -4.15
CA LYS A 6 -1.17 4.75 -4.32
C LYS A 6 -2.24 3.69 -4.56
N ILE A 7 -3.03 3.40 -3.53
CA ILE A 7 -4.02 2.34 -3.60
C ILE A 7 -5.41 2.91 -3.87
N VAL A 8 -5.98 2.56 -5.03
CA VAL A 8 -7.35 2.93 -5.36
C VAL A 8 -8.30 1.76 -5.12
N LEU A 9 -9.21 1.94 -4.17
CA LEU A 9 -10.06 0.84 -3.72
C LEU A 9 -11.51 1.30 -3.57
N ASN A 10 -12.41 0.34 -3.38
CA ASN A 10 -13.82 0.65 -3.18
C ASN A 10 -14.03 1.48 -1.92
N PRO A 11 -14.67 2.64 -2.08
CA PRO A 11 -14.85 3.57 -0.98
C PRO A 11 -15.78 2.99 0.08
N LYS A 12 -16.57 1.99 -0.30
CA LYS A 12 -17.49 1.36 0.62
C LYS A 12 -16.78 0.41 1.57
N THR A 13 -15.52 0.12 1.26
CA THR A 13 -14.70 -0.74 2.12
C THR A 13 -14.63 -0.20 3.53
N ASN A 14 -14.83 -1.08 4.51
CA ASN A 14 -14.78 -0.70 5.91
C ASN A 14 -13.46 -0.01 6.24
N LYS A 15 -13.55 1.12 6.93
CA LYS A 15 -12.37 1.91 7.25
C LYS A 15 -11.44 1.15 8.20
N GLY A 16 -11.99 0.16 8.89
CA GLY A 16 -11.19 -0.72 9.73
C GLY A 16 -10.49 -1.80 8.91
N GLU A 17 -10.96 -1.98 7.68
CA GLU A 17 -10.36 -2.95 6.77
C GLU A 17 -9.51 -2.25 5.71
N LEU A 18 -9.49 -0.93 5.75
CA LEU A 18 -8.57 -0.15 4.92
C LEU A 18 -7.13 -0.32 5.40
N THR A 19 -6.97 -0.79 6.63
CA THR A 19 -5.65 -1.09 7.16
C THR A 19 -5.44 -2.59 7.33
N THR A 20 -6.53 -3.34 7.29
CA THR A 20 -6.46 -4.79 7.33
C THR A 20 -5.89 -5.35 6.03
N GLU A 21 -6.28 -4.75 4.92
CA GLU A 21 -5.81 -5.18 3.61
C GLU A 21 -4.49 -4.53 3.25
N ALA A 22 -4.09 -3.55 4.04
CA ALA A 22 -2.85 -2.81 3.80
C ALA A 22 -1.63 -3.65 4.17
N VAL A 23 -1.86 -4.77 4.84
CA VAL A 23 -0.78 -5.60 5.33
C VAL A 23 -0.19 -6.46 4.22
N ASP A 24 -0.81 -6.40 3.04
CA ASP A 24 -0.22 -6.96 1.83
C ASP A 24 1.04 -6.21 1.44
N ALA A 25 1.10 -4.93 1.79
CA ALA A 25 2.32 -4.15 1.64
C ALA A 25 3.29 -4.41 2.78
N ALA A 26 2.74 -4.72 3.96
CA ALA A 26 3.54 -5.25 5.05
C ALA A 26 4.10 -6.63 4.71
N THR A 27 3.37 -7.38 3.91
CA THR A 27 3.85 -8.65 3.39
C THR A 27 4.83 -8.44 2.24
N ALA A 28 4.63 -7.38 1.48
CA ALA A 28 5.63 -6.91 0.53
C ALA A 28 6.91 -6.51 1.25
N LEU A 29 6.77 -5.85 2.39
CA LEU A 29 7.92 -5.54 3.24
C LEU A 29 8.46 -6.79 3.91
N LYS A 30 7.59 -7.75 4.15
CA LYS A 30 8.01 -9.07 4.60
C LYS A 30 8.83 -9.79 3.53
N ASN A 31 8.48 -9.55 2.27
CA ASN A 31 9.29 -10.01 1.14
C ASN A 31 10.60 -9.25 1.07
N PHE A 32 10.57 -7.98 1.46
CA PHE A 32 11.78 -7.19 1.62
C PHE A 32 12.66 -7.76 2.74
N GLY A 33 12.03 -8.17 3.83
CA GLY A 33 12.73 -8.82 4.93
C GLY A 33 12.22 -8.34 6.28
N ALA A 34 11.32 -7.35 6.25
CA ALA A 34 10.68 -6.87 7.46
C ALA A 34 9.40 -7.64 7.76
N LYS A 35 9.50 -8.61 8.67
CA LYS A 35 8.36 -9.47 9.01
C LYS A 35 7.09 -8.65 9.18
N ALA A 36 6.06 -9.00 8.42
CA ALA A 36 4.83 -8.21 8.38
C ALA A 36 4.25 -8.03 9.78
N GLN A 37 4.42 -9.04 10.63
CA GLN A 37 3.89 -9.00 11.98
C GLN A 37 4.59 -7.92 12.80
N ASP A 38 5.79 -7.56 12.39
CA ASP A 38 6.56 -6.52 13.07
C ASP A 38 6.57 -5.23 12.26
N VAL A 39 5.56 -5.05 11.41
CA VAL A 39 5.39 -3.82 10.66
C VAL A 39 4.11 -3.10 11.03
N GLY A 40 4.17 -2.28 12.08
CA GLY A 40 3.08 -1.37 12.40
C GLY A 40 3.61 -0.09 13.02
N VAL A 41 4.20 0.78 12.20
CA VAL A 41 4.42 0.45 10.80
C VAL A 41 5.89 0.59 10.42
N ASP A 42 6.66 -0.45 10.70
CA ASP A 42 8.11 -0.40 10.51
C ASP A 42 8.49 -0.74 9.07
N GLY A 43 8.87 0.29 8.32
CA GLY A 43 9.30 0.10 6.94
C GLY A 43 8.40 0.85 5.97
N ALA A 44 7.46 1.61 6.52
CA ALA A 44 6.52 2.38 5.70
C ALA A 44 5.87 3.49 6.51
N TRP A 45 5.25 4.44 5.81
CA TRP A 45 4.46 5.46 6.46
C TRP A 45 3.02 5.46 5.94
N THR A 46 2.06 5.52 6.85
CA THR A 46 0.66 5.37 6.50
C THR A 46 0.03 6.74 6.20
N TYR A 47 -0.49 6.88 4.99
CA TYR A 47 -1.26 8.07 4.63
C TYR A 47 -2.53 7.70 3.86
N SER A 48 -3.35 8.71 3.57
CA SER A 48 -4.55 8.51 2.77
C SER A 48 -4.90 9.76 1.97
N ASP A 49 -5.79 9.61 1.00
CA ASP A 49 -6.24 10.74 0.19
C ASP A 49 -7.60 11.24 0.66
N PRO A 50 -7.61 12.41 1.28
CA PRO A 50 -8.83 12.94 1.90
C PRO A 50 -9.76 13.54 0.85
N THR A 51 -9.23 13.78 -0.34
CA THR A 51 -9.96 14.51 -1.37
C THR A 51 -10.97 13.60 -2.07
N LYS A 52 -10.72 12.30 -2.02
CA LYS A 52 -11.65 11.33 -2.56
C LYS A 52 -12.91 11.24 -1.71
N THR A 53 -14.03 11.72 -2.26
CA THR A 53 -15.30 11.70 -1.56
C THR A 53 -16.40 11.10 -2.44
N PHE A 54 -15.99 10.49 -3.54
CA PHE A 54 -16.96 9.98 -4.52
C PHE A 54 -17.02 8.47 -4.48
N PRO A 55 -18.14 7.91 -4.92
CA PRO A 55 -18.33 6.47 -4.98
C PRO A 55 -17.46 5.85 -6.07
N VAL A 56 -16.88 6.70 -6.91
CA VAL A 56 -16.01 6.24 -7.98
C VAL A 56 -14.84 5.44 -7.45
N GLY A 57 -14.25 5.93 -6.36
CA GLY A 57 -13.09 5.26 -5.76
C GLY A 57 -12.58 6.04 -4.55
N TYR A 58 -11.80 5.37 -3.71
CA TYR A 58 -11.13 6.03 -2.59
C TYR A 58 -9.68 5.60 -2.50
N ARG A 59 -8.79 6.57 -2.25
CA ARG A 59 -7.35 6.36 -2.40
C ARG A 59 -6.66 6.33 -1.06
N LEU A 60 -5.86 5.30 -0.82
CA LEU A 60 -4.91 5.29 0.28
C LEU A 60 -3.49 5.50 -0.22
N ILE A 61 -2.62 6.01 0.66
CA ILE A 61 -1.24 6.28 0.31
C ILE A 61 -0.28 5.70 1.34
N PHE A 62 0.47 4.67 0.94
CA PHE A 62 1.43 4.03 1.82
C PHE A 62 2.85 4.18 1.30
N LYS A 63 3.67 4.94 2.03
CA LYS A 63 5.04 5.21 1.61
C LYS A 63 6.00 4.15 2.17
N VAL A 64 6.32 3.17 1.33
CA VAL A 64 7.13 2.04 1.77
C VAL A 64 8.60 2.23 1.40
N GLU A 65 9.48 1.56 2.15
CA GLU A 65 10.89 1.53 1.80
C GLU A 65 11.36 0.12 1.49
N MET A 66 11.69 -0.13 0.23
CA MET A 66 11.92 -1.49 -0.25
C MET A 66 12.33 -1.49 -1.72
N PRO A 67 12.93 -2.59 -2.16
CA PRO A 67 13.40 -2.70 -3.53
C PRO A 67 12.23 -2.85 -4.51
N GLU A 68 12.42 -2.36 -5.73
CA GLU A 68 11.34 -2.35 -6.72
C GLU A 68 10.90 -3.76 -7.08
N ASP A 69 11.84 -4.71 -7.01
CA ASP A 69 11.56 -6.08 -7.40
C ASP A 69 10.31 -6.61 -6.72
N ARG A 70 10.09 -6.19 -5.47
CA ARG A 70 8.97 -6.68 -4.68
C ARG A 70 7.89 -5.61 -4.53
N VAL A 71 8.14 -4.45 -5.13
CA VAL A 71 7.12 -3.40 -5.23
C VAL A 71 6.07 -3.77 -6.27
N ASN A 72 6.51 -4.47 -7.32
CA ASN A 72 5.57 -5.05 -8.28
C ASN A 72 4.73 -6.14 -7.63
N ASP A 73 5.32 -6.88 -6.69
CA ASP A 73 4.58 -7.85 -5.90
C ASP A 73 3.74 -7.16 -4.84
N LEU A 74 4.26 -6.06 -4.30
CA LEU A 74 3.47 -5.20 -3.42
C LEU A 74 2.15 -4.80 -4.06
N ALA A 75 2.23 -4.21 -5.25
CA ALA A 75 1.05 -3.80 -6.00
C ALA A 75 0.23 -5.01 -6.43
N ARG A 76 0.92 -6.10 -6.74
CA ARG A 76 0.26 -7.34 -7.10
C ARG A 76 -0.65 -7.82 -5.97
N GLN A 77 -0.11 -7.87 -4.76
CA GLN A 77 -0.82 -8.43 -3.62
C GLN A 77 -1.97 -7.53 -3.20
N LEU A 78 -1.73 -6.23 -3.23
CA LEU A 78 -2.76 -5.24 -2.89
C LEU A 78 -3.87 -5.23 -3.93
N ARG A 79 -3.48 -5.12 -5.21
CA ARG A 79 -4.44 -5.10 -6.30
C ARG A 79 -5.20 -6.41 -6.39
N GLN A 80 -4.58 -7.49 -5.93
CA GLN A 80 -5.19 -8.80 -5.97
C GLN A 80 -6.50 -8.82 -5.18
N ARG A 81 -6.56 -8.02 -4.13
CA ARG A 81 -7.76 -7.92 -3.31
C ARG A 81 -8.95 -7.43 -4.14
N ASP A 82 -10.07 -8.13 -4.01
CA ASP A 82 -11.26 -7.80 -4.80
C ASP A 82 -11.79 -6.42 -4.44
N ASN A 83 -11.58 -6.01 -3.19
CA ASN A 83 -12.03 -4.70 -2.72
C ASN A 83 -11.21 -3.59 -3.37
N VAL A 84 -9.97 -3.88 -3.69
CA VAL A 84 -9.08 -2.90 -4.30
C VAL A 84 -9.25 -2.88 -5.81
N SER A 85 -9.33 -1.67 -6.38
CA SER A 85 -9.58 -1.51 -7.80
C SER A 85 -8.27 -1.51 -8.60
N ARG A 86 -7.32 -0.69 -8.16
CA ARG A 86 -6.07 -0.52 -8.88
C ARG A 86 -4.98 0.05 -7.97
N VAL A 87 -3.82 -0.59 -7.96
CA VAL A 87 -2.69 -0.11 -7.18
C VAL A 87 -1.56 0.36 -8.09
N GLU A 88 -1.13 1.60 -7.89
CA GLU A 88 0.02 2.15 -8.62
C GLU A 88 1.04 2.73 -7.67
N VAL A 89 2.31 2.37 -7.87
CA VAL A 89 3.38 2.79 -6.99
C VAL A 89 4.34 3.73 -7.71
N THR A 90 4.71 4.82 -7.04
CA THR A 90 5.61 5.81 -7.63
C THR A 90 6.83 6.04 -6.74
N ARG A 91 8.01 6.00 -7.34
CA ARG A 91 9.26 6.13 -6.61
C ARG A 91 9.33 7.48 -5.89
N TYR A 92 9.73 7.45 -4.63
CA TYR A 92 9.85 8.66 -3.83
C TYR A 92 11.31 9.09 -3.68
N LYS A 93 12.16 8.14 -3.30
CA LYS A 93 13.58 8.42 -3.08
C LYS A 93 14.45 7.31 -3.64
N GLY A 1 16.14 2.05 -2.10
CA GLY A 1 15.23 3.13 -2.49
C GLY A 1 13.90 3.03 -1.74
N ILE A 2 13.16 4.12 -1.71
CA ILE A 2 11.87 4.15 -1.03
C ILE A 2 10.73 4.38 -2.01
N TYR A 3 9.66 3.61 -1.86
CA TYR A 3 8.51 3.71 -2.75
C TYR A 3 7.24 3.99 -1.97
N THR A 4 6.30 4.70 -2.60
CA THR A 4 5.04 5.04 -1.95
C THR A 4 3.85 4.66 -2.83
N VAL A 5 2.90 3.94 -2.24
CA VAL A 5 1.80 3.37 -3.00
C VAL A 5 0.52 4.18 -2.82
N LYS A 6 -0.13 4.52 -3.94
CA LYS A 6 -1.47 5.08 -3.91
C LYS A 6 -2.52 4.00 -4.14
N ILE A 7 -3.13 3.54 -3.06
CA ILE A 7 -4.06 2.41 -3.13
C ILE A 7 -5.50 2.89 -3.22
N VAL A 8 -6.19 2.50 -4.30
CA VAL A 8 -7.59 2.84 -4.47
C VAL A 8 -8.49 1.67 -4.09
N LEU A 9 -9.31 1.88 -3.07
CA LEU A 9 -10.08 0.79 -2.47
C LEU A 9 -11.57 0.90 -2.81
N ASN A 10 -12.18 -0.22 -3.12
CA ASN A 10 -13.59 -0.24 -3.49
C ASN A 10 -14.44 0.51 -2.48
N PRO A 11 -15.49 1.17 -2.97
CA PRO A 11 -16.38 1.95 -2.11
C PRO A 11 -17.18 1.05 -1.19
N LYS A 12 -17.25 -0.23 -1.53
CA LYS A 12 -18.08 -1.18 -0.78
C LYS A 12 -17.39 -1.61 0.52
N THR A 13 -16.14 -1.19 0.68
CA THR A 13 -15.37 -1.52 1.87
C THR A 13 -15.66 -0.53 3.00
N ASN A 14 -15.09 -0.78 4.17
CA ASN A 14 -15.27 0.08 5.33
C ASN A 14 -14.09 1.03 5.50
N LYS A 15 -14.37 2.20 6.07
CA LYS A 15 -13.32 3.20 6.29
C LYS A 15 -12.30 2.70 7.30
N GLY A 16 -12.75 1.94 8.29
CA GLY A 16 -11.87 1.35 9.28
C GLY A 16 -11.08 0.18 8.70
N GLU A 17 -11.63 -0.42 7.65
CA GLU A 17 -10.95 -1.53 6.97
C GLU A 17 -10.08 -1.03 5.82
N LEU A 18 -10.16 0.27 5.55
CA LEU A 18 -9.26 0.91 4.60
C LEU A 18 -7.80 0.66 4.97
N THR A 19 -7.51 0.70 6.26
CA THR A 19 -6.13 0.59 6.74
C THR A 19 -5.74 -0.87 6.93
N THR A 20 -6.73 -1.75 6.95
CA THR A 20 -6.50 -3.18 7.10
C THR A 20 -6.15 -3.83 5.76
N GLU A 21 -6.18 -3.03 4.71
CA GLU A 21 -5.76 -3.49 3.38
C GLU A 21 -4.35 -3.04 3.06
N ALA A 22 -3.77 -2.23 3.95
CA ALA A 22 -2.40 -1.77 3.79
C ALA A 22 -1.41 -2.79 4.34
N VAL A 23 -1.92 -3.92 4.79
CA VAL A 23 -1.08 -4.97 5.38
C VAL A 23 -0.72 -6.03 4.34
N ASP A 24 -1.33 -5.94 3.17
CA ASP A 24 -0.86 -6.67 2.00
C ASP A 24 0.39 -6.03 1.43
N ALA A 25 0.60 -4.75 1.74
CA ALA A 25 1.87 -4.08 1.46
C ALA A 25 2.88 -4.33 2.57
N ALA A 26 2.38 -4.58 3.78
CA ALA A 26 3.20 -5.18 4.83
C ALA A 26 3.57 -6.61 4.48
N THR A 27 2.70 -7.29 3.74
CA THR A 27 3.03 -8.59 3.18
C THR A 27 3.93 -8.46 1.95
N ALA A 28 3.83 -7.33 1.27
CA ALA A 28 4.81 -6.95 0.26
C ALA A 28 6.18 -6.71 0.88
N LEU A 29 6.18 -6.12 2.07
CA LEU A 29 7.40 -5.99 2.86
C LEU A 29 7.87 -7.36 3.36
N LYS A 30 6.91 -8.24 3.64
CA LYS A 30 7.21 -9.64 3.90
C LYS A 30 7.76 -10.32 2.65
N ASN A 31 7.27 -9.89 1.49
CA ASN A 31 7.82 -10.34 0.22
C ASN A 31 9.20 -9.74 -0.04
N PHE A 32 9.42 -8.55 0.48
CA PHE A 32 10.76 -7.97 0.55
C PHE A 32 11.66 -8.79 1.47
N GLY A 33 11.15 -9.13 2.66
CA GLY A 33 11.92 -9.90 3.62
C GLY A 33 11.81 -9.30 5.02
N ALA A 34 11.14 -8.15 5.11
CA ALA A 34 10.93 -7.48 6.39
C ALA A 34 9.78 -8.12 7.16
N LYS A 35 9.98 -8.30 8.46
CA LYS A 35 8.93 -8.85 9.33
C LYS A 35 8.00 -7.74 9.81
N ALA A 36 6.96 -8.12 10.55
CA ALA A 36 6.00 -7.17 11.08
C ALA A 36 6.69 -6.10 11.93
N GLN A 37 7.73 -6.51 12.64
CA GLN A 37 8.47 -5.59 13.50
C GLN A 37 9.43 -4.73 12.68
N ASP A 38 9.73 -5.17 11.46
CA ASP A 38 10.67 -4.47 10.60
C ASP A 38 9.95 -3.45 9.72
N VAL A 39 8.62 -3.44 9.79
CA VAL A 39 7.82 -2.47 9.05
C VAL A 39 8.07 -1.06 9.55
N GLY A 40 8.19 -0.91 10.87
CA GLY A 40 8.51 0.38 11.47
C GLY A 40 9.97 0.74 11.27
N VAL A 41 10.80 -0.28 11.11
CA VAL A 41 12.23 -0.08 10.85
C VAL A 41 12.46 0.47 9.45
N ASP A 42 11.77 -0.11 8.47
CA ASP A 42 11.83 0.38 7.10
C ASP A 42 11.13 1.72 6.95
N GLY A 43 11.47 2.44 5.89
CA GLY A 43 10.83 3.73 5.61
C GLY A 43 9.39 3.54 5.14
N ALA A 44 8.49 3.30 6.10
CA ALA A 44 7.09 3.12 5.79
C ALA A 44 6.23 4.17 6.47
N TRP A 45 5.04 4.41 5.92
CA TRP A 45 4.14 5.42 6.45
C TRP A 45 2.73 5.25 5.90
N THR A 46 1.74 5.36 6.79
CA THR A 46 0.34 5.22 6.40
C THR A 46 -0.38 6.56 6.46
N TYR A 47 -1.07 6.92 5.39
CA TYR A 47 -1.95 8.08 5.38
C TYR A 47 -2.89 8.06 4.18
N SER A 48 -4.09 8.60 4.37
CA SER A 48 -5.13 8.52 3.35
C SER A 48 -5.02 9.67 2.36
N ASP A 49 -5.80 9.60 1.28
CA ASP A 49 -5.80 10.63 0.25
C ASP A 49 -7.15 11.32 0.16
N PRO A 50 -7.22 12.54 0.66
CA PRO A 50 -8.46 13.30 0.65
C PRO A 50 -8.93 13.60 -0.76
N THR A 51 -8.00 13.48 -1.71
CA THR A 51 -8.30 13.81 -3.11
C THR A 51 -9.44 12.96 -3.65
N LYS A 52 -9.63 11.78 -3.05
CA LYS A 52 -10.61 10.83 -3.55
C LYS A 52 -12.01 11.44 -3.59
N THR A 53 -12.89 10.80 -4.35
CA THR A 53 -14.28 11.25 -4.44
C THR A 53 -15.24 10.12 -4.11
N PHE A 54 -16.54 10.40 -4.24
CA PHE A 54 -17.58 9.43 -3.91
C PHE A 54 -17.43 8.16 -4.74
N PRO A 55 -17.41 8.33 -6.05
CA PRO A 55 -17.36 7.20 -6.98
C PRO A 55 -16.04 6.43 -6.83
N VAL A 56 -15.01 7.14 -6.36
CA VAL A 56 -13.73 6.50 -6.08
C VAL A 56 -13.82 5.57 -4.87
N GLY A 57 -14.69 5.92 -3.94
CA GLY A 57 -14.86 5.13 -2.72
C GLY A 57 -13.85 5.54 -1.66
N TYR A 58 -12.84 4.70 -1.46
CA TYR A 58 -11.78 4.98 -0.50
C TYR A 58 -10.41 4.97 -1.16
N ARG A 59 -9.48 5.72 -0.59
CA ARG A 59 -8.14 5.84 -1.15
C ARG A 59 -7.10 6.02 -0.06
N LEU A 60 -6.19 5.05 0.05
CA LEU A 60 -5.18 5.07 1.10
C LEU A 60 -3.77 5.01 0.51
N ILE A 61 -2.90 5.88 1.01
CA ILE A 61 -1.52 5.92 0.55
C ILE A 61 -0.58 5.29 1.56
N PHE A 62 0.25 4.35 1.10
CA PHE A 62 1.09 3.56 1.98
C PHE A 62 2.53 3.55 1.50
N LYS A 63 3.42 4.16 2.27
CA LYS A 63 4.84 4.19 1.93
C LYS A 63 5.55 2.92 2.40
N VAL A 64 6.38 2.36 1.53
CA VAL A 64 7.26 1.27 1.92
C VAL A 64 8.67 1.47 1.37
N GLU A 65 9.66 0.97 2.09
CA GLU A 65 11.03 0.94 1.60
C GLU A 65 11.45 -0.47 1.21
N MET A 66 11.59 -0.70 -0.09
CA MET A 66 11.86 -2.02 -0.61
C MET A 66 12.41 -1.97 -2.04
N PRO A 67 13.05 -3.05 -2.47
CA PRO A 67 13.73 -3.07 -3.76
C PRO A 67 12.73 -2.98 -4.90
N GLU A 68 13.15 -2.34 -5.99
CA GLU A 68 12.33 -2.27 -7.20
C GLU A 68 11.96 -3.66 -7.69
N ASP A 69 12.87 -4.61 -7.51
CA ASP A 69 12.64 -5.99 -7.93
C ASP A 69 11.49 -6.62 -7.14
N ARG A 70 11.15 -6.00 -6.02
CA ARG A 70 10.06 -6.48 -5.18
C ARG A 70 8.84 -5.58 -5.27
N VAL A 71 9.05 -4.36 -5.76
CA VAL A 71 7.96 -3.41 -5.96
C VAL A 71 6.93 -3.96 -6.94
N ASN A 72 7.40 -4.81 -7.86
CA ASN A 72 6.49 -5.54 -8.74
C ASN A 72 5.59 -6.47 -7.95
N ASP A 73 6.09 -6.97 -6.83
CA ASP A 73 5.28 -7.79 -5.93
C ASP A 73 4.52 -6.92 -4.93
N LEU A 74 5.07 -5.75 -4.64
CA LEU A 74 4.33 -4.72 -3.90
C LEU A 74 3.00 -4.42 -4.57
N ALA A 75 3.04 -4.08 -5.85
CA ALA A 75 1.84 -3.81 -6.62
C ALA A 75 1.02 -5.09 -6.81
N ARG A 76 1.72 -6.20 -7.04
CA ARG A 76 1.06 -7.47 -7.29
C ARG A 76 0.27 -7.93 -6.06
N GLN A 77 0.91 -7.86 -4.90
CA GLN A 77 0.29 -8.32 -3.66
C GLN A 77 -0.92 -7.48 -3.30
N LEU A 78 -0.82 -6.17 -3.52
CA LEU A 78 -1.93 -5.27 -3.26
C LEU A 78 -3.02 -5.42 -4.31
N ARG A 79 -2.63 -5.46 -5.57
CA ARG A 79 -3.57 -5.66 -6.67
C ARG A 79 -4.27 -7.01 -6.55
N GLN A 80 -3.59 -7.98 -5.95
CA GLN A 80 -4.16 -9.30 -5.73
C GLN A 80 -5.40 -9.22 -4.85
N ARG A 81 -5.44 -8.22 -3.97
CA ARG A 81 -6.58 -8.03 -3.08
C ARG A 81 -7.81 -7.57 -3.84
N ASP A 82 -8.83 -8.42 -3.89
CA ASP A 82 -10.03 -8.13 -4.66
C ASP A 82 -10.71 -6.86 -4.17
N ASN A 83 -10.57 -6.58 -2.87
CA ASN A 83 -11.16 -5.38 -2.28
C ASN A 83 -10.57 -4.12 -2.88
N VAL A 84 -9.28 -4.17 -3.20
CA VAL A 84 -8.58 -3.02 -3.77
C VAL A 84 -8.95 -2.82 -5.23
N SER A 85 -9.41 -1.62 -5.56
CA SER A 85 -9.82 -1.31 -6.93
C SER A 85 -8.63 -1.22 -7.87
N ARG A 86 -7.63 -0.42 -7.46
CA ARG A 86 -6.48 -0.16 -8.32
C ARG A 86 -5.28 0.29 -7.49
N VAL A 87 -4.13 -0.32 -7.76
CA VAL A 87 -2.90 0.04 -7.07
C VAL A 87 -1.95 0.80 -7.98
N GLU A 88 -1.61 2.02 -7.61
CA GLU A 88 -0.65 2.82 -8.35
C GLU A 88 0.56 3.17 -7.50
N VAL A 89 1.68 2.51 -7.80
CA VAL A 89 2.91 2.70 -7.03
C VAL A 89 3.79 3.78 -7.63
N THR A 90 4.30 4.67 -6.78
CA THR A 90 5.16 5.75 -7.23
C THR A 90 6.41 5.85 -6.37
N ARG A 91 7.57 5.95 -7.03
CA ARG A 91 8.85 6.05 -6.34
C ARG A 91 8.92 7.31 -5.49
N TYR A 92 9.43 7.18 -4.27
CA TYR A 92 9.51 8.30 -3.34
C TYR A 92 10.94 8.84 -3.27
N LYS A 93 11.91 7.93 -3.10
CA LYS A 93 13.30 8.32 -2.96
C LYS A 93 14.22 7.35 -3.71
N GLY A 1 16.56 2.87 -0.88
CA GLY A 1 15.67 3.84 -1.52
C GLY A 1 14.30 3.83 -0.87
N ILE A 2 13.50 4.86 -1.17
CA ILE A 2 12.16 4.97 -0.61
C ILE A 2 11.11 4.96 -1.72
N TYR A 3 10.12 4.09 -1.58
CA TYR A 3 9.06 3.96 -2.58
C TYR A 3 7.69 4.29 -1.98
N THR A 4 6.79 4.78 -2.82
CA THR A 4 5.46 5.17 -2.37
C THR A 4 4.38 4.38 -3.09
N VAL A 5 3.49 3.76 -2.33
CA VAL A 5 2.45 2.91 -2.89
C VAL A 5 1.11 3.62 -2.89
N LYS A 6 0.67 4.03 -4.08
CA LYS A 6 -0.58 4.78 -4.23
C LYS A 6 -1.65 3.92 -4.87
N ILE A 7 -2.67 3.58 -4.10
CA ILE A 7 -3.69 2.63 -4.55
C ILE A 7 -5.10 3.21 -4.39
N VAL A 8 -6.05 2.67 -5.15
CA VAL A 8 -7.45 3.03 -4.98
C VAL A 8 -8.31 1.80 -4.74
N LEU A 9 -9.21 1.89 -3.77
CA LEU A 9 -10.07 0.77 -3.42
C LEU A 9 -11.54 1.11 -3.67
N ASN A 10 -12.38 0.08 -3.67
CA ASN A 10 -13.82 0.28 -3.78
C ASN A 10 -14.47 0.44 -2.42
N PRO A 11 -14.99 1.64 -2.16
CA PRO A 11 -15.50 1.97 -0.84
C PRO A 11 -16.89 1.38 -0.61
N LYS A 12 -17.48 0.86 -1.68
CA LYS A 12 -18.82 0.30 -1.62
C LYS A 12 -18.86 -0.99 -0.82
N THR A 13 -17.72 -1.68 -0.77
CA THR A 13 -17.62 -2.93 -0.03
C THR A 13 -17.32 -2.69 1.44
N ASN A 14 -17.67 -3.66 2.28
CA ASN A 14 -17.49 -3.53 3.72
C ASN A 14 -16.04 -3.83 4.12
N LYS A 15 -15.34 -4.54 3.24
CA LYS A 15 -13.94 -4.90 3.51
C LYS A 15 -12.99 -3.90 2.87
N GLY A 16 -13.54 -2.78 2.40
CA GLY A 16 -12.72 -1.65 1.98
C GLY A 16 -12.12 -0.93 3.18
N GLU A 17 -12.70 -1.16 4.36
CA GLU A 17 -12.13 -0.66 5.60
C GLU A 17 -11.00 -1.54 6.10
N LEU A 18 -11.05 -2.82 5.73
CA LEU A 18 -9.95 -3.74 5.96
C LEU A 18 -8.79 -3.45 5.00
N THR A 19 -9.09 -2.75 3.91
CA THR A 19 -8.07 -2.32 2.97
C THR A 19 -7.56 -0.93 3.32
N THR A 20 -8.42 -0.10 3.89
CA THR A 20 -8.03 1.21 4.40
C THR A 20 -6.77 1.11 5.24
N GLU A 21 -6.67 0.07 6.06
CA GLU A 21 -5.47 -0.19 6.83
C GLU A 21 -4.74 -1.44 6.32
N ALA A 22 -4.66 -1.56 5.00
CA ALA A 22 -4.10 -2.75 4.37
C ALA A 22 -2.70 -3.05 4.90
N VAL A 23 -2.43 -4.32 5.19
CA VAL A 23 -1.13 -4.73 5.66
C VAL A 23 -0.55 -5.84 4.78
N ASP A 24 -1.14 -6.02 3.60
CA ASP A 24 -0.58 -6.90 2.59
C ASP A 24 0.67 -6.29 1.97
N ALA A 25 0.72 -4.96 1.93
CA ALA A 25 1.96 -4.25 1.58
C ALA A 25 2.95 -4.29 2.73
N ALA A 26 2.45 -4.22 3.95
CA ALA A 26 3.26 -4.46 5.14
C ALA A 26 3.76 -5.90 5.18
N THR A 27 2.95 -6.81 4.66
CA THR A 27 3.35 -8.21 4.53
C THR A 27 4.30 -8.40 3.36
N ALA A 28 4.13 -7.58 2.32
CA ALA A 28 5.09 -7.53 1.22
C ALA A 28 6.48 -7.14 1.73
N LEU A 29 6.53 -6.14 2.60
CA LEU A 29 7.78 -5.73 3.23
C LEU A 29 8.23 -6.75 4.27
N LYS A 30 7.26 -7.39 4.92
CA LYS A 30 7.56 -8.46 5.86
C LYS A 30 8.22 -9.64 5.18
N ASN A 31 7.69 -10.02 4.01
CA ASN A 31 8.29 -11.09 3.22
C ASN A 31 9.57 -10.62 2.53
N PHE A 32 9.63 -9.33 2.22
CA PHE A 32 10.84 -8.73 1.67
C PHE A 32 11.99 -8.80 2.67
N GLY A 33 11.73 -8.39 3.91
CA GLY A 33 12.74 -8.40 4.95
C GLY A 33 13.13 -6.98 5.35
N ALA A 34 12.13 -6.11 5.44
CA ALA A 34 12.36 -4.73 5.85
C ALA A 34 13.12 -4.67 7.17
N LYS A 35 14.10 -3.78 7.24
CA LYS A 35 14.97 -3.70 8.41
C LYS A 35 14.15 -3.49 9.68
N ALA A 36 14.16 -4.50 10.54
CA ALA A 36 13.48 -4.41 11.83
C ALA A 36 14.27 -3.57 12.82
N GLN A 37 15.57 -3.45 12.57
CA GLN A 37 16.45 -2.69 13.46
C GLN A 37 16.19 -1.20 13.33
N ASP A 38 16.14 -0.70 12.11
CA ASP A 38 15.80 0.69 11.85
C ASP A 38 14.31 0.95 12.08
N VAL A 39 14.01 2.12 12.62
CA VAL A 39 12.63 2.46 12.98
C VAL A 39 11.97 3.32 11.90
N GLY A 40 10.81 2.88 11.44
CA GLY A 40 10.03 3.64 10.47
C GLY A 40 10.13 3.02 9.08
N VAL A 41 10.94 1.98 8.96
CA VAL A 41 11.13 1.30 7.68
C VAL A 41 10.55 -0.11 7.73
N ASP A 42 10.31 -0.62 8.93
CA ASP A 42 9.75 -1.96 9.12
C ASP A 42 8.24 -1.95 8.92
N GLY A 43 7.81 -2.38 7.74
CA GLY A 43 6.39 -2.37 7.39
C GLY A 43 6.01 -1.10 6.64
N ALA A 44 4.80 -1.07 6.11
CA ALA A 44 4.33 0.06 5.31
C ALA A 44 3.62 1.07 6.19
N TRP A 45 3.78 2.36 5.87
CA TRP A 45 3.10 3.43 6.58
C TRP A 45 1.62 3.46 6.22
N THR A 46 0.77 3.31 7.24
CA THR A 46 -0.67 3.34 7.03
C THR A 46 -1.18 4.77 6.86
N TYR A 47 -1.82 5.03 5.73
CA TYR A 47 -2.33 6.36 5.42
C TYR A 47 -3.30 6.33 4.25
N SER A 48 -4.32 7.16 4.31
CA SER A 48 -5.34 7.21 3.26
C SER A 48 -5.64 8.65 2.85
N ASP A 49 -6.27 8.81 1.70
CA ASP A 49 -6.53 10.14 1.14
C ASP A 49 -7.86 10.69 1.64
N PRO A 50 -7.79 11.78 2.41
CA PRO A 50 -8.96 12.33 3.07
C PRO A 50 -9.84 13.10 2.10
N THR A 51 -9.28 13.42 0.93
CA THR A 51 -9.96 14.27 -0.04
C THR A 51 -10.99 13.48 -0.84
N LYS A 52 -10.82 12.16 -0.88
CA LYS A 52 -11.75 11.29 -1.58
C LYS A 52 -12.98 11.00 -0.73
N THR A 53 -14.15 11.44 -1.20
CA THR A 53 -15.39 11.24 -0.48
C THR A 53 -16.46 10.65 -1.39
N PHE A 54 -16.02 9.97 -2.44
CA PHE A 54 -16.94 9.49 -3.47
C PHE A 54 -17.11 7.97 -3.39
N PRO A 55 -18.29 7.49 -3.76
CA PRO A 55 -18.57 6.06 -3.73
C PRO A 55 -17.91 5.34 -4.89
N VAL A 56 -17.47 6.10 -5.89
CA VAL A 56 -16.95 5.53 -7.12
C VAL A 56 -15.52 5.05 -6.94
N GLY A 57 -14.92 5.40 -5.81
CA GLY A 57 -13.56 4.98 -5.50
C GLY A 57 -12.97 5.79 -4.36
N TYR A 58 -12.09 5.17 -3.57
CA TYR A 58 -11.43 5.86 -2.48
C TYR A 58 -9.94 5.57 -2.47
N ARG A 59 -9.13 6.63 -2.38
CA ARG A 59 -7.69 6.51 -2.56
C ARG A 59 -6.98 6.40 -1.22
N LEU A 60 -5.96 5.56 -1.16
CA LEU A 60 -5.09 5.47 0.01
C LEU A 60 -3.65 5.21 -0.39
N ILE A 61 -2.72 5.57 0.49
CA ILE A 61 -1.31 5.65 0.13
C ILE A 61 -0.42 5.11 1.25
N PHE A 62 0.52 4.25 0.89
CA PHE A 62 1.45 3.67 1.85
C PHE A 62 2.88 4.06 1.54
N LYS A 63 3.71 4.16 2.58
CA LYS A 63 5.13 4.41 2.41
C LYS A 63 5.96 3.16 2.65
N VAL A 64 6.69 2.73 1.64
CA VAL A 64 7.43 1.47 1.70
C VAL A 64 8.88 1.67 1.28
N GLU A 65 9.72 0.68 1.59
CA GLU A 65 11.06 0.63 1.05
C GLU A 65 11.33 -0.72 0.37
N MET A 66 11.21 -0.74 -0.96
CA MET A 66 11.27 -1.99 -1.71
C MET A 66 11.60 -1.74 -3.17
N PRO A 67 12.43 -2.59 -3.73
CA PRO A 67 12.92 -2.39 -5.10
C PRO A 67 11.77 -2.27 -6.08
N GLU A 68 11.98 -1.48 -7.14
CA GLU A 68 10.97 -1.29 -8.17
C GLU A 68 10.46 -2.62 -8.70
N ASP A 69 11.36 -3.59 -8.83
CA ASP A 69 11.01 -4.91 -9.34
C ASP A 69 10.12 -5.66 -8.35
N ARG A 70 10.23 -5.28 -7.07
CA ARG A 70 9.62 -6.07 -6.00
C ARG A 70 8.30 -5.45 -5.55
N VAL A 71 8.17 -4.13 -5.76
CA VAL A 71 6.91 -3.44 -5.46
C VAL A 71 5.84 -3.79 -6.49
N ASN A 72 6.25 -4.47 -7.56
CA ASN A 72 5.31 -5.14 -8.44
C ASN A 72 4.70 -6.37 -7.78
N ASP A 73 5.43 -6.95 -6.84
CA ASP A 73 4.92 -8.08 -6.06
C ASP A 73 4.18 -7.61 -4.82
N LEU A 74 4.64 -6.49 -4.25
CA LEU A 74 3.83 -5.73 -3.31
C LEU A 74 2.50 -5.31 -3.95
N ALA A 75 2.57 -4.79 -5.18
CA ALA A 75 1.38 -4.49 -5.94
C ALA A 75 0.61 -5.76 -6.29
N ARG A 76 1.35 -6.85 -6.50
CA ARG A 76 0.73 -8.16 -6.69
C ARG A 76 -0.16 -8.54 -5.52
N GLN A 77 0.35 -8.32 -4.31
CA GLN A 77 -0.40 -8.65 -3.10
C GLN A 77 -1.59 -7.73 -2.92
N LEU A 78 -1.41 -6.46 -3.25
CA LEU A 78 -2.48 -5.47 -3.14
C LEU A 78 -3.50 -5.64 -4.25
N ARG A 79 -3.01 -5.88 -5.47
CA ARG A 79 -3.88 -6.18 -6.60
C ARG A 79 -4.63 -7.48 -6.38
N GLN A 80 -4.04 -8.38 -5.60
CA GLN A 80 -4.68 -9.65 -5.26
C GLN A 80 -5.96 -9.42 -4.46
N ARG A 81 -5.98 -8.33 -3.69
CA ARG A 81 -7.15 -7.99 -2.89
C ARG A 81 -8.36 -7.73 -3.79
N ASP A 82 -9.50 -8.28 -3.40
CA ASP A 82 -10.72 -8.18 -4.20
C ASP A 82 -11.41 -6.84 -3.97
N ASN A 83 -10.94 -6.10 -2.97
CA ASN A 83 -11.55 -4.83 -2.61
C ASN A 83 -10.74 -3.65 -3.14
N VAL A 84 -9.56 -3.95 -3.66
CA VAL A 84 -8.72 -2.93 -4.28
C VAL A 84 -9.02 -2.80 -5.77
N SER A 85 -9.15 -1.55 -6.23
CA SER A 85 -9.47 -1.29 -7.63
C SER A 85 -8.20 -1.26 -8.47
N ARG A 86 -7.24 -0.45 -8.05
CA ARG A 86 -6.02 -0.23 -8.84
C ARG A 86 -4.82 0.05 -7.94
N VAL A 87 -3.69 -0.54 -8.28
CA VAL A 87 -2.44 -0.28 -7.56
C VAL A 87 -1.43 0.40 -8.47
N GLU A 88 -0.93 1.55 -8.02
CA GLU A 88 0.19 2.21 -8.69
C GLU A 88 1.28 2.59 -7.70
N VAL A 89 2.48 2.05 -7.91
CA VAL A 89 3.63 2.37 -7.07
C VAL A 89 4.60 3.29 -7.79
N THR A 90 5.17 4.23 -7.06
CA THR A 90 6.10 5.20 -7.63
C THR A 90 7.23 5.53 -6.65
N ARG A 91 8.41 5.81 -7.20
CA ARG A 91 9.60 5.99 -6.37
C ARG A 91 9.64 7.39 -5.76
N TYR A 92 10.02 7.47 -4.49
CA TYR A 92 10.10 8.74 -3.80
C TYR A 92 11.54 9.24 -3.74
N LYS A 93 12.45 8.37 -3.34
CA LYS A 93 13.85 8.73 -3.19
C LYS A 93 14.77 7.61 -3.68
N GLY A 1 16.15 3.55 -2.01
CA GLY A 1 15.25 4.54 -2.60
C GLY A 1 13.90 4.56 -1.89
N ILE A 2 13.05 5.50 -2.27
CA ILE A 2 11.72 5.62 -1.66
C ILE A 2 10.64 5.52 -2.72
N TYR A 3 9.69 4.62 -2.49
CA TYR A 3 8.56 4.43 -3.41
C TYR A 3 7.24 4.77 -2.73
N THR A 4 6.30 5.31 -3.50
CA THR A 4 4.99 5.66 -2.98
C THR A 4 3.89 4.89 -3.69
N VAL A 5 3.05 4.20 -2.92
CA VAL A 5 2.01 3.35 -3.48
C VAL A 5 0.64 4.01 -3.38
N LYS A 6 0.05 4.32 -4.52
CA LYS A 6 -1.28 4.92 -4.57
C LYS A 6 -2.35 3.86 -4.75
N ILE A 7 -3.03 3.52 -3.66
CA ILE A 7 -4.02 2.44 -3.68
C ILE A 7 -5.43 2.99 -3.85
N VAL A 8 -6.09 2.58 -4.93
CA VAL A 8 -7.51 2.87 -5.12
C VAL A 8 -8.39 1.73 -4.65
N LEU A 9 -9.19 1.98 -3.62
CA LEU A 9 -10.00 0.94 -3.01
C LEU A 9 -11.39 0.89 -3.64
N ASN A 10 -11.89 -0.33 -3.85
CA ASN A 10 -13.15 -0.53 -4.55
C ASN A 10 -14.31 0.13 -3.81
N PRO A 11 -14.95 1.09 -4.46
CA PRO A 11 -16.05 1.83 -3.84
C PRO A 11 -17.15 0.89 -3.37
N LYS A 12 -17.30 -0.24 -4.06
CA LYS A 12 -18.44 -1.11 -3.84
C LYS A 12 -18.32 -1.89 -2.54
N THR A 13 -17.10 -1.93 -2.00
CA THR A 13 -16.81 -2.74 -0.82
C THR A 13 -17.15 -1.98 0.46
N ASN A 14 -17.22 -2.71 1.58
CA ASN A 14 -17.67 -2.14 2.83
C ASN A 14 -16.56 -1.31 3.48
N LYS A 15 -16.93 -0.14 3.98
CA LYS A 15 -15.98 0.74 4.66
C LYS A 15 -15.52 0.14 5.97
N GLY A 16 -16.22 -0.88 6.44
CA GLY A 16 -15.82 -1.62 7.62
C GLY A 16 -14.53 -2.38 7.38
N GLU A 17 -14.23 -2.64 6.11
CA GLU A 17 -12.97 -3.27 5.72
C GLU A 17 -12.03 -2.26 5.07
N LEU A 18 -12.25 -0.98 5.36
CA LEU A 18 -11.31 0.06 4.95
C LEU A 18 -9.95 -0.12 5.61
N THR A 19 -9.97 -0.52 6.88
CA THR A 19 -8.75 -0.57 7.68
C THR A 19 -8.07 -1.92 7.56
N THR A 20 -8.77 -2.88 6.96
CA THR A 20 -8.22 -4.22 6.76
C THR A 20 -7.19 -4.24 5.63
N GLU A 21 -7.12 -3.13 4.89
CA GLU A 21 -6.20 -3.03 3.77
C GLU A 21 -4.95 -2.27 4.16
N ALA A 22 -4.87 -1.86 5.42
CA ALA A 22 -3.67 -1.25 5.96
C ALA A 22 -2.57 -2.28 6.18
N VAL A 23 -2.88 -3.54 5.88
CA VAL A 23 -1.88 -4.59 5.93
C VAL A 23 -0.96 -4.55 4.71
N ASP A 24 -1.20 -3.57 3.84
CA ASP A 24 -0.25 -3.23 2.79
C ASP A 24 1.18 -3.27 3.31
N ALA A 25 1.40 -2.70 4.48
CA ALA A 25 2.72 -2.69 5.09
C ALA A 25 3.08 -4.06 5.64
N ALA A 26 2.10 -4.75 6.20
CA ALA A 26 2.31 -6.09 6.72
C ALA A 26 2.77 -7.05 5.64
N THR A 27 2.39 -6.77 4.41
CA THR A 27 2.77 -7.59 3.27
C THR A 27 3.89 -6.94 2.46
N ALA A 28 4.00 -5.62 2.58
CA ALA A 28 5.09 -4.89 1.94
C ALA A 28 6.44 -5.31 2.50
N LEU A 29 6.61 -5.13 3.81
CA LEU A 29 7.86 -5.47 4.48
C LEU A 29 8.04 -6.98 4.58
N LYS A 30 6.94 -7.71 4.48
CA LYS A 30 6.98 -9.16 4.38
C LYS A 30 7.62 -9.60 3.05
N ASN A 31 7.19 -8.97 1.96
CA ASN A 31 7.77 -9.24 0.66
C ASN A 31 9.18 -8.69 0.56
N PHE A 32 9.43 -7.56 1.20
CA PHE A 32 10.76 -6.96 1.22
C PHE A 32 11.74 -7.82 2.02
N GLY A 33 11.38 -8.13 3.26
CA GLY A 33 12.21 -8.97 4.11
C GLY A 33 12.60 -8.24 5.38
N ALA A 34 11.70 -7.38 5.86
CA ALA A 34 11.92 -6.67 7.13
C ALA A 34 10.84 -7.03 8.14
N LYS A 35 11.21 -7.04 9.42
CA LYS A 35 10.28 -7.37 10.48
C LYS A 35 9.66 -6.11 11.06
N ALA A 36 8.65 -6.29 11.91
CA ALA A 36 7.99 -5.16 12.57
C ALA A 36 8.95 -4.41 13.48
N GLN A 37 9.92 -5.12 14.03
CA GLN A 37 10.93 -4.51 14.87
C GLN A 37 12.23 -4.27 14.10
N ASP A 38 12.59 -5.24 13.27
CA ASP A 38 13.78 -5.11 12.42
C ASP A 38 13.42 -4.49 11.07
N VAL A 39 13.21 -3.18 11.08
CA VAL A 39 12.86 -2.45 9.86
C VAL A 39 14.10 -1.90 9.17
N GLY A 40 15.04 -1.39 9.96
CA GLY A 40 16.28 -0.83 9.42
C GLY A 40 16.06 0.58 8.92
N VAL A 41 16.49 0.83 7.68
CA VAL A 41 16.36 2.15 7.08
C VAL A 41 15.28 2.18 6.01
N ASP A 42 14.84 0.98 5.60
CA ASP A 42 13.77 0.86 4.63
C ASP A 42 12.40 0.82 5.31
N GLY A 43 11.81 2.00 5.50
CA GLY A 43 10.68 2.14 6.41
C GLY A 43 9.36 2.06 5.65
N ALA A 44 8.27 2.39 6.34
CA ALA A 44 6.93 2.26 5.77
C ALA A 44 5.94 3.16 6.47
N TRP A 45 5.12 3.86 5.69
CA TRP A 45 4.13 4.79 6.23
C TRP A 45 2.77 4.60 5.57
N THR A 46 1.82 4.07 6.34
CA THR A 46 0.48 3.85 5.83
C THR A 46 -0.47 4.96 6.24
N TYR A 47 -1.10 5.60 5.25
CA TYR A 47 -2.05 6.67 5.51
C TYR A 47 -3.03 6.83 4.36
N SER A 48 -4.12 7.54 4.61
CA SER A 48 -5.13 7.80 3.58
C SER A 48 -4.99 9.19 3.00
N ASP A 49 -5.61 9.42 1.85
CA ASP A 49 -5.60 10.73 1.21
C ASP A 49 -6.97 11.39 1.28
N PRO A 50 -7.13 12.32 2.21
CA PRO A 50 -8.41 12.99 2.41
C PRO A 50 -8.63 14.05 1.33
N THR A 51 -7.57 14.41 0.63
CA THR A 51 -7.64 15.43 -0.41
C THR A 51 -8.30 14.89 -1.67
N LYS A 52 -7.97 13.65 -2.02
CA LYS A 52 -8.47 13.04 -3.26
C LYS A 52 -9.25 11.78 -2.97
N THR A 53 -10.00 11.78 -1.87
CA THR A 53 -10.91 10.68 -1.55
C THR A 53 -12.03 10.58 -2.56
N PHE A 54 -12.32 9.36 -2.99
CA PHE A 54 -13.35 9.13 -4.01
C PHE A 54 -14.75 9.40 -3.45
N PRO A 55 -15.67 9.77 -4.33
CA PRO A 55 -17.03 10.08 -3.92
C PRO A 55 -17.64 8.95 -3.11
N VAL A 56 -17.35 7.72 -3.51
CA VAL A 56 -17.89 6.54 -2.84
C VAL A 56 -16.78 5.72 -2.19
N GLY A 57 -15.71 5.50 -2.93
CA GLY A 57 -14.61 4.65 -2.46
C GLY A 57 -13.60 5.45 -1.65
N TYR A 58 -12.43 4.87 -1.44
CA TYR A 58 -11.41 5.50 -0.61
C TYR A 58 -10.05 5.48 -1.32
N ARG A 59 -9.19 6.44 -0.98
CA ARG A 59 -7.85 6.49 -1.53
C ARG A 59 -6.80 6.23 -0.45
N LEU A 60 -6.14 5.08 -0.54
CA LEU A 60 -5.17 4.68 0.47
C LEU A 60 -3.74 4.83 -0.04
N ILE A 61 -2.96 5.66 0.65
CA ILE A 61 -1.61 5.97 0.20
C ILE A 61 -0.56 5.37 1.13
N PHE A 62 0.38 4.63 0.54
CA PHE A 62 1.36 3.90 1.32
C PHE A 62 2.78 4.22 0.87
N LYS A 63 3.52 4.92 1.73
CA LYS A 63 4.88 5.34 1.40
C LYS A 63 5.90 4.38 2.01
N VAL A 64 6.64 3.69 1.16
CA VAL A 64 7.48 2.58 1.61
C VAL A 64 8.79 2.54 0.83
N GLU A 65 9.84 2.04 1.47
CA GLU A 65 11.16 1.98 0.85
C GLU A 65 11.55 0.54 0.53
N MET A 66 11.78 0.28 -0.75
CA MET A 66 12.20 -1.06 -1.18
C MET A 66 12.52 -1.08 -2.68
N PRO A 67 13.22 -2.11 -3.12
CA PRO A 67 13.53 -2.28 -4.53
C PRO A 67 12.26 -2.26 -5.38
N GLU A 68 12.39 -1.74 -6.60
CA GLU A 68 11.26 -1.64 -7.51
C GLU A 68 10.58 -3.00 -7.68
N ASP A 69 11.39 -4.06 -7.77
CA ASP A 69 10.86 -5.41 -7.91
C ASP A 69 9.98 -5.78 -6.73
N ARG A 70 10.35 -5.31 -5.55
CA ARG A 70 9.66 -5.69 -4.32
C ARG A 70 8.38 -4.88 -4.14
N VAL A 71 8.40 -3.63 -4.58
CA VAL A 71 7.23 -2.77 -4.53
C VAL A 71 6.26 -3.10 -5.66
N ASN A 72 6.76 -3.74 -6.70
CA ASN A 72 5.91 -4.35 -7.72
C ASN A 72 5.28 -5.63 -7.21
N ASP A 73 6.01 -6.34 -6.35
CA ASP A 73 5.45 -7.49 -5.64
C ASP A 73 4.40 -7.05 -4.62
N LEU A 74 4.68 -5.95 -3.94
CA LEU A 74 3.69 -5.30 -3.09
C LEU A 74 2.46 -4.91 -3.89
N ALA A 75 2.68 -4.25 -5.02
CA ALA A 75 1.58 -3.87 -5.91
C ALA A 75 0.86 -5.10 -6.43
N ARG A 76 1.59 -6.18 -6.65
CA ARG A 76 1.00 -7.45 -7.06
C ARG A 76 0.09 -7.99 -5.97
N GLN A 77 0.54 -7.93 -4.73
CA GLN A 77 -0.24 -8.41 -3.59
C GLN A 77 -1.45 -7.50 -3.35
N LEU A 78 -1.24 -6.20 -3.50
CA LEU A 78 -2.30 -5.22 -3.27
C LEU A 78 -3.33 -5.27 -4.41
N ARG A 79 -2.85 -5.43 -5.64
CA ARG A 79 -3.73 -5.65 -6.77
C ARG A 79 -4.47 -6.98 -6.65
N GLN A 80 -3.83 -7.95 -5.98
CA GLN A 80 -4.45 -9.24 -5.74
C GLN A 80 -5.60 -9.13 -4.74
N ARG A 81 -5.47 -8.20 -3.81
CA ARG A 81 -6.53 -7.93 -2.83
C ARG A 81 -7.85 -7.62 -3.53
N ASP A 82 -8.91 -8.31 -3.10
CA ASP A 82 -10.22 -8.14 -3.70
C ASP A 82 -10.81 -6.77 -3.37
N ASN A 83 -10.53 -6.28 -2.16
CA ASN A 83 -11.05 -5.00 -1.71
C ASN A 83 -10.41 -3.85 -2.47
N VAL A 84 -9.19 -4.05 -2.92
CA VAL A 84 -8.48 -3.04 -3.72
C VAL A 84 -8.97 -3.05 -5.16
N SER A 85 -9.23 -1.86 -5.69
CA SER A 85 -9.67 -1.72 -7.08
C SER A 85 -8.48 -1.65 -8.03
N ARG A 86 -7.55 -0.75 -7.74
CA ARG A 86 -6.42 -0.51 -8.63
C ARG A 86 -5.24 0.10 -7.88
N VAL A 87 -4.07 -0.49 -8.07
CA VAL A 87 -2.85 0.02 -7.43
C VAL A 87 -1.94 0.68 -8.46
N GLU A 88 -1.49 1.89 -8.15
CA GLU A 88 -0.49 2.58 -8.96
C GLU A 88 0.70 3.03 -8.12
N VAL A 89 1.87 2.49 -8.42
CA VAL A 89 3.07 2.81 -7.67
C VAL A 89 3.93 3.83 -8.42
N THR A 90 4.52 4.77 -7.69
CA THR A 90 5.38 5.77 -8.29
C THR A 90 6.56 6.09 -7.38
N ARG A 91 7.71 6.34 -7.99
CA ARG A 91 8.95 6.52 -7.25
C ARG A 91 9.05 7.93 -6.67
N TYR A 92 9.43 8.01 -5.40
CA TYR A 92 9.58 9.30 -4.73
C TYR A 92 11.04 9.75 -4.72
N LYS A 93 11.93 8.83 -4.39
CA LYS A 93 13.36 9.13 -4.31
C LYS A 93 14.20 8.04 -4.96
N GLY A 1 14.51 1.65 -4.23
CA GLY A 1 14.34 3.05 -3.85
C GLY A 1 13.16 3.23 -2.89
N ILE A 2 12.92 4.47 -2.49
CA ILE A 2 11.86 4.77 -1.54
C ILE A 2 10.52 4.89 -2.23
N TYR A 3 9.72 3.82 -2.14
CA TYR A 3 8.49 3.72 -2.94
C TYR A 3 7.28 4.20 -2.14
N THR A 4 6.55 5.15 -2.72
CA THR A 4 5.30 5.60 -2.13
C THR A 4 4.10 5.04 -2.89
N VAL A 5 3.28 4.27 -2.17
CA VAL A 5 2.20 3.51 -2.81
C VAL A 5 0.87 4.28 -2.74
N LYS A 6 0.33 4.61 -3.90
CA LYS A 6 -0.99 5.20 -3.98
C LYS A 6 -2.05 4.14 -4.29
N ILE A 7 -2.75 3.69 -3.25
CA ILE A 7 -3.73 2.63 -3.38
C ILE A 7 -5.11 3.18 -3.70
N VAL A 8 -5.75 2.61 -4.72
CA VAL A 8 -7.14 2.93 -5.02
C VAL A 8 -8.07 1.81 -4.58
N LEU A 9 -8.96 2.12 -3.63
CA LEU A 9 -9.77 1.11 -2.98
C LEU A 9 -11.15 1.03 -3.62
N ASN A 10 -11.80 -0.12 -3.47
CA ASN A 10 -13.17 -0.30 -3.93
C ASN A 10 -14.14 0.57 -3.15
N PRO A 11 -15.24 0.94 -3.79
CA PRO A 11 -16.24 1.80 -3.15
C PRO A 11 -17.09 1.01 -2.16
N LYS A 12 -16.94 -0.31 -2.19
CA LYS A 12 -17.77 -1.19 -1.36
C LYS A 12 -16.92 -1.91 -0.32
N THR A 13 -15.93 -1.22 0.22
CA THR A 13 -15.06 -1.79 1.25
C THR A 13 -15.65 -1.60 2.64
N ASN A 14 -15.12 -2.33 3.60
CA ASN A 14 -15.58 -2.23 4.99
C ASN A 14 -14.99 -1.01 5.67
N LYS A 15 -15.86 -0.13 6.17
CA LYS A 15 -15.43 1.11 6.79
C LYS A 15 -14.63 0.85 8.06
N GLY A 16 -14.81 -0.34 8.62
CA GLY A 16 -14.03 -0.76 9.78
C GLY A 16 -12.59 -1.09 9.38
N GLU A 17 -12.40 -1.43 8.10
CA GLU A 17 -11.07 -1.72 7.59
C GLU A 17 -10.48 -0.51 6.87
N LEU A 18 -11.30 0.52 6.69
CA LEU A 18 -10.83 1.81 6.21
C LEU A 18 -10.17 2.60 7.34
N THR A 19 -10.24 2.06 8.54
CA THR A 19 -9.54 2.65 9.68
C THR A 19 -8.26 1.89 10.00
N THR A 20 -8.15 0.67 9.47
CA THR A 20 -6.95 -0.14 9.62
C THR A 20 -5.91 0.21 8.55
N GLU A 21 -4.68 -0.23 8.77
CA GLU A 21 -3.59 0.03 7.84
C GLU A 21 -3.50 -1.07 6.79
N ALA A 22 -2.85 -0.75 5.67
CA ALA A 22 -2.63 -1.74 4.61
C ALA A 22 -1.99 -3.01 5.15
N VAL A 23 -2.67 -4.13 4.94
CA VAL A 23 -2.22 -5.40 5.51
C VAL A 23 -1.49 -6.24 4.46
N ASP A 24 -1.98 -6.22 3.23
CA ASP A 24 -1.31 -6.87 2.12
C ASP A 24 0.03 -6.21 1.82
N ALA A 25 0.14 -4.93 2.15
CA ALA A 25 1.42 -4.24 2.14
C ALA A 25 2.27 -4.64 3.34
N ALA A 26 1.62 -4.86 4.48
CA ALA A 26 2.30 -5.38 5.66
C ALA A 26 2.85 -6.78 5.41
N THR A 27 2.15 -7.55 4.59
CA THR A 27 2.60 -8.89 4.22
C THR A 27 3.46 -8.84 2.96
N ALA A 28 3.36 -7.75 2.21
CA ALA A 28 4.33 -7.42 1.19
C ALA A 28 5.70 -7.15 1.80
N LEU A 29 5.72 -6.40 2.90
CA LEU A 29 6.95 -6.11 3.61
C LEU A 29 7.39 -7.30 4.45
N LYS A 30 6.44 -8.16 4.80
CA LYS A 30 6.75 -9.44 5.44
C LYS A 30 7.39 -10.41 4.45
N ASN A 31 6.84 -10.46 3.24
CA ASN A 31 7.40 -11.28 2.17
C ASN A 31 8.74 -10.72 1.69
N PHE A 32 8.83 -9.39 1.68
CA PHE A 32 10.09 -8.72 1.36
C PHE A 32 11.12 -8.93 2.46
N GLY A 33 10.76 -8.52 3.67
CA GLY A 33 11.64 -8.69 4.83
C GLY A 33 12.18 -7.35 5.32
N ALA A 34 11.33 -6.33 5.29
CA ALA A 34 11.73 -4.99 5.70
C ALA A 34 12.09 -4.94 7.17
N LYS A 35 13.36 -4.63 7.46
CA LYS A 35 13.83 -4.47 8.82
C LYS A 35 14.60 -3.16 9.00
N ALA A 36 14.77 -2.76 10.25
CA ALA A 36 15.52 -1.54 10.56
C ALA A 36 17.00 -1.70 10.21
N GLN A 37 17.45 -2.95 10.16
CA GLN A 37 18.84 -3.25 9.84
C GLN A 37 19.02 -3.62 8.38
N ASP A 38 17.97 -4.20 7.79
CA ASP A 38 18.01 -4.59 6.39
C ASP A 38 17.70 -3.40 5.48
N VAL A 39 16.98 -2.42 6.02
CA VAL A 39 16.63 -1.22 5.27
C VAL A 39 17.09 0.04 5.99
N GLY A 40 18.00 0.78 5.36
CA GLY A 40 18.56 1.99 5.96
C GLY A 40 17.51 3.08 6.05
N VAL A 41 16.55 3.06 5.13
CA VAL A 41 15.46 4.04 5.12
C VAL A 41 14.42 3.68 6.18
N ASP A 42 13.84 4.71 6.79
CA ASP A 42 12.82 4.51 7.82
C ASP A 42 11.73 3.56 7.33
N GLY A 43 10.99 2.98 8.27
CA GLY A 43 10.03 1.94 7.96
C GLY A 43 8.82 2.51 7.23
N ALA A 44 7.71 1.77 7.24
CA ALA A 44 6.55 2.11 6.44
C ALA A 44 5.73 3.21 7.11
N TRP A 45 4.90 3.89 6.33
CA TRP A 45 4.00 4.91 6.85
C TRP A 45 2.66 4.89 6.12
N THR A 46 1.58 4.75 6.89
CA THR A 46 0.26 4.57 6.31
C THR A 46 -0.63 5.79 6.59
N TYR A 47 -1.38 6.21 5.57
CA TYR A 47 -2.26 7.36 5.69
C TYR A 47 -3.33 7.35 4.60
N SER A 48 -4.58 7.53 5.01
CA SER A 48 -5.70 7.55 4.07
C SER A 48 -5.61 8.74 3.13
N ASP A 49 -5.99 8.53 1.87
CA ASP A 49 -5.79 9.54 0.84
C ASP A 49 -7.07 10.33 0.58
N PRO A 50 -7.02 11.63 0.89
CA PRO A 50 -8.19 12.48 0.74
C PRO A 50 -8.37 12.91 -0.71
N THR A 51 -7.39 12.58 -1.54
CA THR A 51 -7.40 13.03 -2.94
C THR A 51 -8.65 12.56 -3.66
N LYS A 52 -9.10 11.35 -3.35
CA LYS A 52 -10.25 10.76 -4.02
C LYS A 52 -11.42 11.73 -4.05
N THR A 53 -11.91 12.03 -5.25
CA THR A 53 -12.92 13.07 -5.44
C THR A 53 -14.32 12.50 -5.31
N PHE A 54 -14.43 11.18 -5.36
CA PHE A 54 -15.72 10.50 -5.22
C PHE A 54 -15.94 10.03 -3.79
N PRO A 55 -16.98 10.55 -3.15
CA PRO A 55 -17.29 10.20 -1.78
C PRO A 55 -17.45 8.69 -1.62
N VAL A 56 -17.97 8.05 -2.66
CA VAL A 56 -18.26 6.61 -2.61
C VAL A 56 -16.98 5.79 -2.72
N GLY A 57 -15.95 6.38 -3.33
CA GLY A 57 -14.67 5.70 -3.51
C GLY A 57 -13.72 6.01 -2.36
N TYR A 58 -12.62 5.28 -2.29
CA TYR A 58 -11.62 5.47 -1.25
C TYR A 58 -10.21 5.29 -1.79
N ARG A 59 -9.25 5.95 -1.15
CA ARG A 59 -7.84 5.77 -1.50
C ARG A 59 -6.98 5.69 -0.25
N LEU A 60 -5.83 5.02 -0.37
CA LEU A 60 -4.96 4.78 0.77
C LEU A 60 -3.49 4.90 0.38
N ILE A 61 -2.75 5.69 1.15
CA ILE A 61 -1.33 5.88 0.90
C ILE A 61 -0.48 4.98 1.79
N PHE A 62 0.51 4.34 1.19
CA PHE A 62 1.44 3.49 1.94
C PHE A 62 2.88 3.73 1.50
N LYS A 63 3.65 4.39 2.35
CA LYS A 63 5.01 4.81 2.00
C LYS A 63 6.05 3.93 2.68
N VAL A 64 6.87 3.27 1.88
CA VAL A 64 7.93 2.41 2.39
C VAL A 64 8.98 2.13 1.33
N GLU A 65 10.22 1.94 1.77
CA GLU A 65 11.33 1.68 0.86
C GLU A 65 11.34 0.22 0.42
N MET A 66 11.38 0.00 -0.89
CA MET A 66 11.26 -1.32 -1.46
C MET A 66 12.15 -1.50 -2.68
N PRO A 67 12.44 -2.75 -3.03
CA PRO A 67 13.22 -3.04 -4.23
C PRO A 67 12.38 -2.94 -5.48
N GLU A 68 13.00 -2.48 -6.57
CA GLU A 68 12.29 -2.29 -7.83
C GLU A 68 11.79 -3.63 -8.39
N ASP A 69 12.60 -4.67 -8.19
CA ASP A 69 12.31 -5.97 -8.77
C ASP A 69 11.02 -6.57 -8.23
N ARG A 70 10.76 -6.31 -6.95
CA ARG A 70 9.70 -7.01 -6.23
C ARG A 70 8.49 -6.11 -6.02
N VAL A 71 8.73 -4.81 -5.97
CA VAL A 71 7.68 -3.85 -5.66
C VAL A 71 6.50 -3.98 -6.61
N ASN A 72 6.78 -4.49 -7.81
CA ASN A 72 5.72 -4.76 -8.79
C ASN A 72 4.78 -5.85 -8.29
N ASP A 73 5.34 -6.84 -7.61
CA ASP A 73 4.55 -7.94 -7.06
C ASP A 73 4.10 -7.64 -5.64
N LEU A 74 4.81 -6.76 -4.96
CA LEU A 74 4.41 -6.29 -3.64
C LEU A 74 3.25 -5.32 -3.73
N ALA A 75 3.22 -4.53 -4.79
CA ALA A 75 2.07 -3.69 -5.09
C ALA A 75 0.96 -4.50 -5.76
N ARG A 76 1.35 -5.56 -6.46
CA ARG A 76 0.39 -6.52 -6.98
C ARG A 76 -0.33 -7.25 -5.85
N GLN A 77 0.41 -7.57 -4.80
CA GLN A 77 -0.18 -8.15 -3.59
C GLN A 77 -1.30 -7.27 -3.05
N LEU A 78 -1.04 -5.97 -2.96
CA LEU A 78 -2.07 -5.00 -2.64
C LEU A 78 -3.20 -5.04 -3.65
N ARG A 79 -2.85 -4.94 -4.93
CA ARG A 79 -3.84 -4.97 -6.00
C ARG A 79 -4.74 -6.20 -5.88
N GLN A 80 -4.17 -7.32 -5.45
CA GLN A 80 -4.90 -8.57 -5.36
C GLN A 80 -5.89 -8.54 -4.20
N ARG A 81 -5.59 -7.72 -3.20
CA ARG A 81 -6.49 -7.55 -2.05
C ARG A 81 -7.89 -7.19 -2.51
N ASP A 82 -8.89 -7.85 -1.91
CA ASP A 82 -10.27 -7.68 -2.33
C ASP A 82 -10.73 -6.24 -2.12
N ASN A 83 -10.20 -5.59 -1.10
CA ASN A 83 -10.58 -4.21 -0.77
C ASN A 83 -9.99 -3.22 -1.76
N VAL A 84 -8.94 -3.66 -2.46
CA VAL A 84 -8.22 -2.77 -3.37
C VAL A 84 -8.76 -2.89 -4.79
N SER A 85 -8.95 -1.74 -5.44
CA SER A 85 -9.29 -1.73 -6.86
C SER A 85 -8.04 -1.80 -7.72
N ARG A 86 -7.08 -0.93 -7.44
CA ARG A 86 -5.84 -0.88 -8.20
C ARG A 86 -4.76 -0.09 -7.47
N VAL A 87 -3.51 -0.42 -7.73
CA VAL A 87 -2.39 0.20 -7.02
C VAL A 87 -1.47 0.95 -7.98
N GLU A 88 -1.16 2.19 -7.63
CA GLU A 88 -0.18 2.97 -8.38
C GLU A 88 0.96 3.43 -7.49
N VAL A 89 2.16 2.94 -7.77
CA VAL A 89 3.32 3.22 -6.92
C VAL A 89 4.28 4.20 -7.60
N THR A 90 4.80 5.14 -6.82
CA THR A 90 5.73 6.14 -7.34
C THR A 90 7.02 6.16 -6.53
N ARG A 91 8.14 6.09 -7.22
CA ARG A 91 9.45 6.05 -6.56
C ARG A 91 9.92 7.46 -6.21
N TYR A 92 10.42 7.61 -4.98
CA TYR A 92 10.91 8.90 -4.50
C TYR A 92 12.42 9.01 -4.69
N LYS A 93 13.15 8.02 -4.20
CA LYS A 93 14.61 8.05 -4.23
C LYS A 93 15.14 7.43 -5.52
N GLY A 1 16.05 3.93 -1.52
CA GLY A 1 15.06 4.84 -2.07
C GLY A 1 13.72 4.69 -1.37
N ILE A 2 12.83 5.66 -1.57
CA ILE A 2 11.52 5.63 -0.95
C ILE A 2 10.43 5.26 -1.94
N TYR A 3 9.83 4.08 -1.75
CA TYR A 3 8.78 3.61 -2.63
C TYR A 3 7.40 3.83 -2.02
N THR A 4 6.63 4.73 -2.61
CA THR A 4 5.33 5.09 -2.08
C THR A 4 4.20 4.51 -2.92
N VAL A 5 3.06 4.27 -2.29
CA VAL A 5 1.97 3.54 -2.92
C VAL A 5 0.73 4.42 -3.08
N LYS A 6 0.19 4.47 -4.29
CA LYS A 6 -1.10 5.09 -4.53
C LYS A 6 -2.13 4.05 -4.99
N ILE A 7 -3.01 3.65 -4.08
CA ILE A 7 -4.05 2.68 -4.39
C ILE A 7 -5.38 3.37 -4.66
N VAL A 8 -5.96 3.09 -5.82
CA VAL A 8 -7.34 3.47 -6.10
C VAL A 8 -8.32 2.40 -5.61
N LEU A 9 -9.17 2.78 -4.66
CA LEU A 9 -10.11 1.83 -4.06
C LEU A 9 -11.52 2.06 -4.60
N ASN A 10 -12.30 0.98 -4.66
CA ASN A 10 -13.74 1.10 -4.85
C ASN A 10 -14.41 1.79 -3.67
N PRO A 11 -15.49 2.52 -3.95
CA PRO A 11 -16.20 3.27 -2.93
C PRO A 11 -16.94 2.33 -1.98
N LYS A 12 -17.06 1.07 -2.38
CA LYS A 12 -17.81 0.09 -1.60
C LYS A 12 -16.91 -0.62 -0.60
N THR A 13 -15.62 -0.29 -0.63
CA THR A 13 -14.65 -0.90 0.28
C THR A 13 -15.03 -0.63 1.74
N ASN A 14 -14.65 -1.56 2.61
CA ASN A 14 -14.93 -1.43 4.03
C ASN A 14 -13.81 -0.68 4.75
N LYS A 15 -14.14 0.47 5.32
CA LYS A 15 -13.13 1.34 5.93
C LYS A 15 -12.59 0.74 7.22
N GLY A 16 -13.27 -0.28 7.73
CA GLY A 16 -12.80 -1.02 8.89
C GLY A 16 -11.74 -2.05 8.50
N GLU A 17 -11.72 -2.41 7.22
CA GLU A 17 -10.75 -3.37 6.71
C GLU A 17 -9.69 -2.68 5.85
N LEU A 18 -9.74 -1.36 5.81
CA LEU A 18 -8.65 -0.58 5.26
C LEU A 18 -7.48 -0.49 6.24
N THR A 19 -7.73 -0.90 7.47
CA THR A 19 -6.66 -1.05 8.45
C THR A 19 -6.29 -2.51 8.64
N THR A 20 -7.20 -3.41 8.26
CA THR A 20 -6.93 -4.84 8.25
C THR A 20 -6.03 -5.22 7.08
N GLU A 21 -6.30 -4.65 5.92
CA GLU A 21 -5.53 -4.94 4.72
C GLU A 21 -4.30 -4.06 4.64
N ALA A 22 -4.17 -3.13 5.58
CA ALA A 22 -3.04 -2.22 5.61
C ALA A 22 -1.73 -2.98 5.76
N VAL A 23 -1.81 -4.19 6.30
CA VAL A 23 -0.62 -4.98 6.59
C VAL A 23 -0.13 -5.73 5.35
N ASP A 24 -0.90 -5.65 4.28
CA ASP A 24 -0.50 -6.19 3.00
C ASP A 24 0.82 -5.59 2.54
N ALA A 25 0.97 -4.28 2.73
CA ALA A 25 2.22 -3.59 2.43
C ALA A 25 3.26 -3.85 3.51
N ALA A 26 2.81 -4.01 4.74
CA ALA A 26 3.69 -4.37 5.85
C ALA A 26 4.29 -5.76 5.64
N THR A 27 3.51 -6.66 5.05
CA THR A 27 3.97 -8.01 4.78
C THR A 27 4.54 -8.14 3.37
N ALA A 28 4.27 -7.14 2.55
CA ALA A 28 5.04 -6.93 1.32
C ALA A 28 6.46 -6.48 1.64
N LEU A 29 6.60 -5.62 2.63
CA LEU A 29 7.91 -5.22 3.12
C LEU A 29 8.58 -6.34 3.90
N LYS A 30 7.77 -7.19 4.52
CA LYS A 30 8.26 -8.42 5.13
C LYS A 30 8.69 -9.42 4.06
N ASN A 31 7.90 -9.51 2.99
CA ASN A 31 8.25 -10.35 1.85
C ASN A 31 9.48 -9.81 1.12
N PHE A 32 9.65 -8.50 1.16
CA PHE A 32 10.91 -7.87 0.80
C PHE A 32 12.02 -8.26 1.77
N GLY A 33 11.75 -8.11 3.06
CA GLY A 33 12.67 -8.54 4.09
C GLY A 33 13.46 -7.37 4.66
N ALA A 34 12.79 -6.23 4.81
CA ALA A 34 13.42 -5.04 5.38
C ALA A 34 14.02 -5.33 6.75
N LYS A 35 15.34 -5.30 6.82
CA LYS A 35 16.05 -5.61 8.06
C LYS A 35 16.09 -4.40 8.99
N ALA A 36 16.07 -4.68 10.29
CA ALA A 36 16.18 -3.62 11.29
C ALA A 36 17.62 -3.22 11.50
N GLN A 37 18.54 -4.18 11.37
CA GLN A 37 19.96 -3.90 11.47
C GLN A 37 20.48 -3.21 10.22
N ASP A 38 19.93 -3.57 9.07
CA ASP A 38 20.26 -2.91 7.82
C ASP A 38 19.09 -2.07 7.31
N VAL A 39 18.46 -1.34 8.21
CA VAL A 39 17.29 -0.53 7.86
C VAL A 39 17.66 0.59 6.91
N GLY A 40 16.79 0.88 5.95
CA GLY A 40 17.00 1.97 5.02
C GLY A 40 16.19 3.20 5.41
N VAL A 41 15.15 3.48 4.63
CA VAL A 41 14.26 4.60 4.90
C VAL A 41 13.09 4.19 5.79
N ASP A 42 12.24 5.15 6.13
CA ASP A 42 11.05 4.88 6.90
C ASP A 42 10.38 3.58 6.45
N GLY A 43 10.07 2.71 7.41
CA GLY A 43 9.46 1.43 7.11
C GLY A 43 8.00 1.59 6.69
N ALA A 44 7.29 0.47 6.57
CA ALA A 44 5.95 0.47 6.02
C ALA A 44 5.02 1.34 6.86
N TRP A 45 4.65 2.50 6.32
CA TRP A 45 3.70 3.39 6.98
C TRP A 45 2.39 3.47 6.21
N THR A 46 1.29 3.61 6.95
CA THR A 46 -0.04 3.59 6.36
C THR A 46 -0.67 4.97 6.37
N TYR A 47 -1.09 5.44 5.21
CA TYR A 47 -1.79 6.72 5.10
C TYR A 47 -2.97 6.62 4.15
N SER A 48 -3.73 7.71 4.03
CA SER A 48 -4.80 7.79 3.05
C SER A 48 -4.94 9.21 2.51
N ASP A 49 -5.61 9.33 1.36
CA ASP A 49 -5.74 10.62 0.69
C ASP A 49 -6.86 11.45 1.29
N PRO A 50 -6.51 12.59 1.87
CA PRO A 50 -7.46 13.42 2.58
C PRO A 50 -8.60 13.86 1.66
N THR A 51 -8.29 14.01 0.39
CA THR A 51 -9.21 14.64 -0.56
C THR A 51 -10.16 13.61 -1.17
N LYS A 52 -9.77 12.34 -1.10
CA LYS A 52 -10.59 11.25 -1.63
C LYS A 52 -11.47 10.64 -0.55
N THR A 53 -12.45 11.40 -0.10
CA THR A 53 -13.38 10.91 0.92
C THR A 53 -14.81 10.82 0.36
N PHE A 54 -14.94 11.01 -0.94
CA PHE A 54 -16.25 11.10 -1.57
C PHE A 54 -16.63 9.79 -2.25
N PRO A 55 -17.91 9.63 -2.53
CA PRO A 55 -18.40 8.46 -3.24
C PRO A 55 -17.67 8.26 -4.56
N VAL A 56 -17.12 9.36 -5.09
CA VAL A 56 -16.32 9.30 -6.31
C VAL A 56 -15.29 8.19 -6.24
N GLY A 57 -14.66 8.03 -5.09
CA GLY A 57 -13.68 6.98 -4.88
C GLY A 57 -12.73 7.32 -3.74
N TYR A 58 -12.02 6.30 -3.24
CA TYR A 58 -11.10 6.49 -2.14
C TYR A 58 -9.69 6.07 -2.52
N ARG A 59 -8.70 6.85 -2.08
CA ARG A 59 -7.31 6.56 -2.38
C ARG A 59 -6.53 6.21 -1.11
N LEU A 60 -5.84 5.08 -1.13
CA LEU A 60 -5.11 4.60 0.03
C LEU A 60 -3.61 4.61 -0.21
N ILE A 61 -2.86 5.13 0.76
CA ILE A 61 -1.45 5.43 0.56
C ILE A 61 -0.57 4.64 1.50
N PHE A 62 0.57 4.18 0.99
CA PHE A 62 1.58 3.53 1.83
C PHE A 62 2.97 4.08 1.54
N LYS A 63 3.84 4.00 2.55
CA LYS A 63 5.24 4.37 2.37
C LYS A 63 6.16 3.21 2.73
N VAL A 64 6.80 2.64 1.73
CA VAL A 64 7.68 1.49 1.93
C VAL A 64 8.99 1.64 1.20
N GLU A 65 9.84 0.63 1.27
CA GLU A 65 11.07 0.59 0.49
C GLU A 65 11.33 -0.81 -0.05
N MET A 66 11.33 -0.95 -1.37
CA MET A 66 11.75 -2.19 -2.01
C MET A 66 11.94 -2.00 -3.51
N PRO A 67 12.88 -2.73 -4.09
CA PRO A 67 13.14 -2.66 -5.53
C PRO A 67 11.88 -2.96 -6.33
N GLU A 68 11.86 -2.50 -7.57
CA GLU A 68 10.69 -2.67 -8.43
C GLU A 68 10.36 -4.14 -8.63
N ASP A 69 11.38 -4.99 -8.57
CA ASP A 69 11.18 -6.42 -8.67
C ASP A 69 10.30 -6.95 -7.55
N ARG A 70 10.30 -6.24 -6.43
CA ARG A 70 9.52 -6.65 -5.26
C ARG A 70 8.30 -5.76 -5.09
N VAL A 71 8.32 -4.59 -5.71
CA VAL A 71 7.14 -3.74 -5.80
C VAL A 71 6.01 -4.45 -6.52
N ASN A 72 6.35 -5.37 -7.41
CA ASN A 72 5.38 -6.25 -8.03
C ASN A 72 4.66 -7.10 -6.99
N ASP A 73 5.42 -7.60 -6.02
CA ASP A 73 4.85 -8.32 -4.90
C ASP A 73 4.07 -7.39 -3.97
N LEU A 74 4.60 -6.20 -3.77
CA LEU A 74 3.88 -5.15 -3.04
C LEU A 74 2.51 -4.90 -3.66
N ALA A 75 2.49 -4.63 -4.97
CA ALA A 75 1.25 -4.34 -5.67
C ALA A 75 0.40 -5.59 -5.82
N ARG A 76 1.06 -6.76 -5.84
CA ARG A 76 0.36 -8.03 -5.88
C ARG A 76 -0.45 -8.26 -4.61
N GLN A 77 0.21 -8.12 -3.46
CA GLN A 77 -0.44 -8.35 -2.17
C GLN A 77 -1.48 -7.28 -1.88
N LEU A 78 -1.19 -6.05 -2.29
CA LEU A 78 -2.12 -4.94 -2.10
C LEU A 78 -3.31 -5.05 -3.03
N ARG A 79 -3.03 -5.26 -4.32
CA ARG A 79 -4.09 -5.38 -5.32
C ARG A 79 -4.90 -6.65 -5.11
N GLN A 80 -4.31 -7.61 -4.40
CA GLN A 80 -4.99 -8.87 -4.12
C GLN A 80 -6.39 -8.64 -3.58
N ARG A 81 -6.57 -7.56 -2.84
CA ARG A 81 -7.87 -7.24 -2.24
C ARG A 81 -8.88 -6.85 -3.30
N ASP A 82 -10.03 -7.50 -3.28
CA ASP A 82 -11.02 -7.35 -4.35
C ASP A 82 -11.56 -5.94 -4.40
N ASN A 83 -11.60 -5.27 -3.24
CA ASN A 83 -12.13 -3.92 -3.14
C ASN A 83 -11.21 -2.92 -3.83
N VAL A 84 -9.95 -3.30 -3.99
CA VAL A 84 -8.98 -2.47 -4.71
C VAL A 84 -9.34 -2.37 -6.19
N SER A 85 -9.26 -1.15 -6.72
CA SER A 85 -9.46 -0.93 -8.15
C SER A 85 -8.15 -1.03 -8.92
N ARG A 86 -7.14 -0.33 -8.44
CA ARG A 86 -5.82 -0.34 -9.07
C ARG A 86 -4.73 0.13 -8.11
N VAL A 87 -3.66 -0.65 -8.01
CA VAL A 87 -2.50 -0.24 -7.24
C VAL A 87 -1.41 0.31 -8.15
N GLU A 88 -1.02 1.57 -7.91
CA GLU A 88 0.11 2.17 -8.60
C GLU A 88 1.17 2.63 -7.62
N VAL A 89 2.37 2.05 -7.74
CA VAL A 89 3.47 2.37 -6.84
C VAL A 89 4.52 3.24 -7.53
N THR A 90 4.96 4.28 -6.84
CA THR A 90 5.90 5.24 -7.41
C THR A 90 7.01 5.57 -6.43
N ARG A 91 8.23 5.67 -6.94
CA ARG A 91 9.39 5.96 -6.10
C ARG A 91 9.62 7.46 -6.00
N TYR A 92 9.79 7.95 -4.77
CA TYR A 92 10.16 9.34 -4.53
C TYR A 92 11.56 9.64 -5.03
N LYS A 93 12.52 8.81 -4.59
CA LYS A 93 13.90 8.95 -5.02
C LYS A 93 14.01 9.00 -6.55
N GLY A 1 15.62 2.11 -3.11
CA GLY A 1 14.81 3.24 -3.51
C GLY A 1 13.55 3.36 -2.65
N ILE A 2 13.10 4.59 -2.44
CA ILE A 2 11.93 4.84 -1.60
C ILE A 2 10.69 5.11 -2.45
N TYR A 3 9.62 4.36 -2.19
CA TYR A 3 8.41 4.47 -2.99
C TYR A 3 7.22 4.88 -2.13
N THR A 4 6.21 5.48 -2.77
CA THR A 4 4.96 5.78 -2.10
C THR A 4 3.79 5.06 -2.78
N VAL A 5 3.05 4.29 -2.01
CA VAL A 5 2.04 3.39 -2.56
C VAL A 5 0.64 3.98 -2.41
N LYS A 6 -0.06 4.12 -3.53
CA LYS A 6 -1.42 4.62 -3.52
C LYS A 6 -2.42 3.52 -3.88
N ILE A 7 -3.10 2.98 -2.87
CA ILE A 7 -4.07 1.92 -3.07
C ILE A 7 -5.46 2.49 -3.35
N VAL A 8 -6.02 2.14 -4.50
CA VAL A 8 -7.35 2.58 -4.87
C VAL A 8 -8.37 1.49 -4.61
N LEU A 9 -9.23 1.71 -3.62
CA LEU A 9 -10.26 0.73 -3.27
C LEU A 9 -11.58 1.04 -3.97
N ASN A 10 -12.18 0.02 -4.55
CA ASN A 10 -13.49 0.17 -5.19
C ASN A 10 -14.53 0.69 -4.21
N PRO A 11 -15.15 1.82 -4.55
CA PRO A 11 -16.08 2.49 -3.65
C PRO A 11 -17.35 1.67 -3.47
N LYS A 12 -17.55 0.70 -4.35
CA LYS A 12 -18.72 -0.18 -4.27
C LYS A 12 -18.51 -1.29 -3.25
N THR A 13 -17.30 -1.38 -2.72
CA THR A 13 -16.98 -2.38 -1.71
C THR A 13 -16.87 -1.77 -0.32
N ASN A 14 -16.69 -2.61 0.69
CA ASN A 14 -16.69 -2.16 2.07
C ASN A 14 -15.55 -1.18 2.34
N LYS A 15 -15.91 0.06 2.66
CA LYS A 15 -14.91 1.08 2.98
C LYS A 15 -14.28 0.82 4.34
N GLY A 16 -14.86 -0.11 5.09
CA GLY A 16 -14.28 -0.56 6.36
C GLY A 16 -13.02 -1.38 6.13
N GLU A 17 -12.82 -1.83 4.88
CA GLU A 17 -11.61 -2.54 4.51
C GLU A 17 -10.60 -1.60 3.87
N LEU A 18 -10.87 -0.30 3.94
CA LEU A 18 -10.00 0.70 3.33
C LEU A 18 -8.58 0.60 3.91
N THR A 19 -8.49 0.31 5.20
CA THR A 19 -7.22 0.42 5.92
C THR A 19 -6.69 -0.95 6.31
N THR A 20 -7.34 -2.00 5.82
CA THR A 20 -6.90 -3.37 6.08
C THR A 20 -5.73 -3.76 5.19
N GLU A 21 -5.56 -3.02 4.09
CA GLU A 21 -4.44 -3.24 3.19
C GLU A 21 -3.15 -2.68 3.77
N ALA A 22 -3.28 -1.89 4.83
CA ALA A 22 -2.12 -1.34 5.52
C ALA A 22 -1.21 -2.44 6.06
N VAL A 23 -1.80 -3.59 6.36
CA VAL A 23 -1.06 -4.72 6.89
C VAL A 23 -0.93 -5.83 5.85
N ASP A 24 -1.65 -5.69 4.74
CA ASP A 24 -1.33 -6.39 3.51
C ASP A 24 -0.03 -5.86 2.91
N ALA A 25 0.28 -4.61 3.20
CA ALA A 25 1.58 -4.04 2.85
C ALA A 25 2.67 -4.49 3.82
N ALA A 26 2.28 -4.73 5.06
CA ALA A 26 3.11 -5.45 6.02
C ALA A 26 3.33 -6.90 5.57
N THR A 27 2.32 -7.47 4.93
CA THR A 27 2.44 -8.78 4.32
C THR A 27 3.24 -8.72 3.03
N ALA A 28 3.13 -7.60 2.33
CA ALA A 28 4.00 -7.32 1.19
C ALA A 28 5.46 -7.19 1.63
N LEU A 29 5.67 -6.52 2.75
CA LEU A 29 7.01 -6.41 3.34
C LEU A 29 7.42 -7.70 4.02
N LYS A 30 6.43 -8.52 4.38
CA LYS A 30 6.68 -9.88 4.82
C LYS A 30 7.11 -10.76 3.66
N ASN A 31 6.50 -10.55 2.50
CA ASN A 31 6.93 -11.20 1.27
C ASN A 31 8.33 -10.74 0.87
N PHE A 32 8.60 -9.45 1.05
CA PHE A 32 9.93 -8.90 0.82
C PHE A 32 10.93 -9.47 1.83
N GLY A 33 10.61 -9.36 3.11
CA GLY A 33 11.46 -9.89 4.16
C GLY A 33 12.06 -8.77 5.00
N ALA A 34 11.32 -7.68 5.14
CA ALA A 34 11.76 -6.54 5.93
C ALA A 34 11.78 -6.86 7.42
N LYS A 35 12.98 -6.94 7.99
CA LYS A 35 13.13 -7.10 9.43
C LYS A 35 13.56 -5.80 10.09
N ALA A 36 12.96 -5.51 11.25
CA ALA A 36 13.14 -4.21 11.89
C ALA A 36 14.59 -4.00 12.32
N GLN A 37 15.23 -5.08 12.74
CA GLN A 37 16.55 -5.00 13.34
C GLN A 37 17.64 -5.44 12.36
N ASP A 38 17.28 -6.35 11.46
CA ASP A 38 18.24 -6.97 10.56
C ASP A 38 18.29 -6.24 9.22
N VAL A 39 17.21 -5.54 8.90
CA VAL A 39 17.08 -4.89 7.60
C VAL A 39 16.83 -3.39 7.75
N GLY A 40 17.69 -2.59 7.12
CA GLY A 40 17.65 -1.15 7.31
C GLY A 40 16.62 -0.49 6.38
N VAL A 41 16.09 -1.28 5.45
CA VAL A 41 15.04 -0.81 4.56
C VAL A 41 13.88 -0.22 5.34
N ASP A 42 13.53 1.03 5.02
CA ASP A 42 12.46 1.73 5.70
C ASP A 42 11.11 1.07 5.43
N GLY A 43 10.44 0.66 6.50
CA GLY A 43 9.14 0.01 6.37
C GLY A 43 8.05 1.00 5.99
N ALA A 44 6.80 0.58 6.08
CA ALA A 44 5.67 1.36 5.57
C ALA A 44 5.18 2.35 6.62
N TRP A 45 4.94 3.59 6.19
CA TRP A 45 4.25 4.56 7.01
C TRP A 45 2.85 4.85 6.47
N THR A 46 1.83 4.52 7.25
CA THR A 46 0.46 4.49 6.76
C THR A 46 -0.22 5.85 6.95
N TYR A 47 -0.89 6.32 5.90
CA TYR A 47 -1.71 7.52 5.99
C TYR A 47 -2.68 7.61 4.82
N SER A 48 -3.96 7.33 5.09
CA SER A 48 -4.95 7.24 4.03
C SER A 48 -5.22 8.60 3.41
N ASP A 49 -5.87 8.60 2.25
CA ASP A 49 -6.15 9.84 1.52
C ASP A 49 -7.63 10.21 1.64
N PRO A 50 -7.91 11.25 2.43
CA PRO A 50 -9.28 11.65 2.70
C PRO A 50 -9.86 12.44 1.54
N THR A 51 -8.99 12.90 0.64
CA THR A 51 -9.40 13.81 -0.43
C THR A 51 -9.43 13.09 -1.76
N LYS A 52 -9.50 11.77 -1.72
CA LYS A 52 -9.64 10.96 -2.93
C LYS A 52 -10.91 11.33 -3.70
N THR A 53 -10.87 11.17 -5.02
CA THR A 53 -11.97 11.61 -5.87
C THR A 53 -13.05 10.53 -5.98
N PHE A 54 -14.14 10.86 -6.65
CA PHE A 54 -15.27 9.94 -6.76
C PHE A 54 -14.87 8.65 -7.46
N PRO A 55 -14.27 8.79 -8.63
CA PRO A 55 -13.90 7.63 -9.45
C PRO A 55 -12.81 6.81 -8.77
N VAL A 56 -12.03 7.46 -7.91
CA VAL A 56 -11.06 6.76 -7.08
C VAL A 56 -11.74 5.98 -5.96
N GLY A 57 -12.80 6.56 -5.41
CA GLY A 57 -13.58 5.90 -4.37
C GLY A 57 -12.97 6.12 -3.00
N TYR A 58 -12.21 5.15 -2.52
CA TYR A 58 -11.49 5.28 -1.26
C TYR A 58 -10.02 4.89 -1.43
N ARG A 59 -9.13 5.81 -1.08
CA ARG A 59 -7.71 5.64 -1.34
C ARG A 59 -6.91 5.48 -0.05
N LEU A 60 -6.10 4.42 0.02
CA LEU A 60 -5.16 4.25 1.12
C LEU A 60 -3.73 4.46 0.65
N ILE A 61 -3.06 5.43 1.26
CA ILE A 61 -1.67 5.74 0.90
C ILE A 61 -0.73 5.39 2.04
N PHE A 62 0.46 4.88 1.69
CA PHE A 62 1.53 4.71 2.66
C PHE A 62 2.89 4.81 1.99
N LYS A 63 3.90 5.20 2.77
CA LYS A 63 5.24 5.43 2.23
C LYS A 63 6.21 4.36 2.70
N VAL A 64 6.84 3.68 1.74
CA VAL A 64 7.63 2.49 2.04
C VAL A 64 8.83 2.40 1.10
N GLU A 65 9.94 1.88 1.63
CA GLU A 65 11.15 1.66 0.83
C GLU A 65 11.23 0.22 0.35
N MET A 66 11.60 0.05 -0.92
CA MET A 66 11.67 -1.27 -1.53
C MET A 66 12.36 -1.22 -2.89
N PRO A 67 13.01 -2.32 -3.25
CA PRO A 67 13.61 -2.45 -4.58
C PRO A 67 12.55 -2.31 -5.67
N GLU A 68 12.95 -1.77 -6.81
CA GLU A 68 12.04 -1.61 -7.94
C GLU A 68 11.41 -2.94 -8.34
N ASP A 69 12.24 -3.98 -8.36
CA ASP A 69 11.77 -5.30 -8.77
C ASP A 69 10.74 -5.85 -7.80
N ARG A 70 10.74 -5.33 -6.58
CA ARG A 70 9.85 -5.81 -5.53
C ARG A 70 8.55 -5.02 -5.49
N VAL A 71 8.58 -3.83 -6.08
CA VAL A 71 7.40 -2.97 -6.13
C VAL A 71 6.21 -3.72 -6.74
N ASN A 72 6.47 -4.42 -7.84
CA ASN A 72 5.41 -5.13 -8.54
C ASN A 72 4.85 -6.27 -7.70
N ASP A 73 5.73 -6.95 -6.98
CA ASP A 73 5.35 -8.13 -6.21
C ASP A 73 4.80 -7.74 -4.84
N LEU A 74 5.21 -6.57 -4.36
CA LEU A 74 4.67 -6.03 -3.12
C LEU A 74 3.35 -5.31 -3.34
N ALA A 75 3.17 -4.80 -4.56
CA ALA A 75 1.86 -4.34 -5.00
C ALA A 75 1.03 -5.49 -5.58
N ARG A 76 1.69 -6.59 -5.87
CA ARG A 76 1.01 -7.83 -6.22
C ARG A 76 0.17 -8.34 -5.04
N GLN A 77 0.77 -8.35 -3.86
CA GLN A 77 0.07 -8.75 -2.65
C GLN A 77 -1.08 -7.80 -2.34
N LEU A 78 -0.89 -6.52 -2.65
CA LEU A 78 -1.92 -5.52 -2.44
C LEU A 78 -2.99 -5.58 -3.52
N ARG A 79 -2.56 -5.81 -4.75
CA ARG A 79 -3.49 -5.99 -5.86
C ARG A 79 -4.23 -7.32 -5.76
N GLN A 80 -3.68 -8.24 -4.96
CA GLN A 80 -4.27 -9.55 -4.78
C GLN A 80 -5.71 -9.45 -4.29
N ARG A 81 -6.00 -8.38 -3.55
CA ARG A 81 -7.34 -8.16 -3.02
C ARG A 81 -8.33 -7.83 -4.14
N ASP A 82 -9.45 -8.53 -4.15
CA ASP A 82 -10.45 -8.35 -5.20
C ASP A 82 -11.17 -7.01 -5.03
N ASN A 83 -11.37 -6.60 -3.79
CA ASN A 83 -12.12 -5.38 -3.50
C ASN A 83 -11.34 -4.14 -3.89
N VAL A 84 -10.01 -4.23 -3.81
CA VAL A 84 -9.14 -3.15 -4.26
C VAL A 84 -9.21 -2.98 -5.77
N SER A 85 -9.49 -1.77 -6.21
CA SER A 85 -9.61 -1.47 -7.64
C SER A 85 -8.27 -1.56 -8.34
N ARG A 86 -7.27 -0.87 -7.79
CA ARG A 86 -5.93 -0.88 -8.35
C ARG A 86 -4.92 -0.28 -7.39
N VAL A 87 -3.74 -0.90 -7.31
CA VAL A 87 -2.66 -0.38 -6.48
C VAL A 87 -1.58 0.27 -7.33
N GLU A 88 -1.45 1.59 -7.21
CA GLU A 88 -0.52 2.35 -8.03
C GLU A 88 0.62 2.91 -7.18
N VAL A 89 1.85 2.51 -7.52
CA VAL A 89 3.02 2.90 -6.75
C VAL A 89 3.82 3.99 -7.48
N THR A 90 4.18 5.04 -6.75
CA THR A 90 4.95 6.14 -7.33
C THR A 90 6.24 6.36 -6.58
N ARG A 91 7.34 6.41 -7.32
CA ARG A 91 8.67 6.55 -6.72
C ARG A 91 8.82 7.89 -6.02
N TYR A 92 9.41 7.87 -4.83
CA TYR A 92 9.69 9.10 -4.08
C TYR A 92 11.14 9.51 -4.23
N LYS A 93 12.04 8.56 -4.03
CA LYS A 93 13.47 8.82 -4.11
C LYS A 93 14.22 7.65 -4.71
N GLY A 1 16.16 2.06 -1.35
CA GLY A 1 15.22 2.96 -2.03
C GLY A 1 13.90 3.04 -1.27
N ILE A 2 13.17 4.13 -1.49
CA ILE A 2 11.89 4.34 -0.83
C ILE A 2 10.75 4.44 -1.84
N TYR A 3 9.74 3.60 -1.67
CA TYR A 3 8.61 3.57 -2.60
C TYR A 3 7.35 4.12 -1.94
N THR A 4 6.65 4.99 -2.65
CA THR A 4 5.37 5.52 -2.18
C THR A 4 4.20 4.83 -2.87
N VAL A 5 3.35 4.18 -2.07
CA VAL A 5 2.29 3.34 -2.60
C VAL A 5 0.93 3.99 -2.46
N LYS A 6 0.29 4.27 -3.58
CA LYS A 6 -1.05 4.87 -3.58
C LYS A 6 -2.12 3.81 -3.83
N ILE A 7 -2.79 3.41 -2.76
CA ILE A 7 -3.79 2.35 -2.84
C ILE A 7 -5.19 2.93 -2.96
N VAL A 8 -5.87 2.60 -4.07
CA VAL A 8 -7.27 2.97 -4.25
C VAL A 8 -8.18 1.82 -3.85
N LEU A 9 -9.02 2.07 -2.84
CA LEU A 9 -9.86 1.03 -2.27
C LEU A 9 -11.23 0.99 -2.93
N ASN A 10 -11.78 -0.22 -3.06
CA ASN A 10 -13.13 -0.38 -3.58
C ASN A 10 -14.15 0.32 -2.69
N PRO A 11 -14.91 1.23 -3.29
CA PRO A 11 -15.91 2.00 -2.54
C PRO A 11 -16.84 1.07 -1.77
N LYS A 12 -17.07 -0.13 -2.30
CA LYS A 12 -17.98 -1.08 -1.68
C LYS A 12 -17.44 -1.56 -0.34
N THR A 13 -16.12 -1.53 -0.19
CA THR A 13 -15.47 -1.94 1.05
C THR A 13 -15.96 -1.12 2.23
N ASN A 14 -16.26 -1.79 3.33
CA ASN A 14 -16.78 -1.13 4.52
C ASN A 14 -15.82 -0.07 5.03
N LYS A 15 -16.36 1.07 5.46
CA LYS A 15 -15.54 2.19 5.91
C LYS A 15 -14.54 1.75 6.97
N GLY A 16 -14.97 0.84 7.85
CA GLY A 16 -14.12 0.37 8.94
C GLY A 16 -13.11 -0.65 8.44
N GLU A 17 -13.38 -1.23 7.28
CA GLU A 17 -12.49 -2.23 6.69
C GLU A 17 -11.51 -1.60 5.73
N LEU A 18 -11.64 -0.30 5.52
CA LEU A 18 -10.74 0.44 4.64
C LEU A 18 -9.29 0.27 5.07
N THR A 19 -9.07 0.25 6.37
CA THR A 19 -7.72 0.14 6.92
C THR A 19 -7.42 -1.28 7.38
N THR A 20 -8.48 -2.06 7.58
CA THR A 20 -8.33 -3.48 7.89
C THR A 20 -7.78 -4.25 6.70
N GLU A 21 -8.21 -3.87 5.50
CA GLU A 21 -7.78 -4.54 4.28
C GLU A 21 -6.50 -3.94 3.73
N ALA A 22 -6.09 -2.81 4.30
CA ALA A 22 -4.87 -2.14 3.89
C ALA A 22 -3.64 -2.79 4.51
N VAL A 23 -3.44 -4.06 4.21
CA VAL A 23 -2.26 -4.79 4.69
C VAL A 23 -1.53 -5.47 3.54
N ASP A 24 -2.07 -5.34 2.34
CA ASP A 24 -1.36 -5.74 1.13
C ASP A 24 0.05 -5.18 1.10
N ALA A 25 0.17 -3.89 1.42
CA ALA A 25 1.47 -3.25 1.51
C ALA A 25 2.27 -3.77 2.71
N ALA A 26 1.57 -3.98 3.83
CA ALA A 26 2.18 -4.56 5.01
C ALA A 26 2.72 -5.96 4.72
N THR A 27 2.04 -6.67 3.81
CA THR A 27 2.44 -8.02 3.45
C THR A 27 3.29 -8.01 2.18
N ALA A 28 3.33 -6.87 1.51
CA ALA A 28 4.35 -6.61 0.49
C ALA A 28 5.73 -6.47 1.12
N LEU A 29 5.78 -5.83 2.29
CA LEU A 29 7.00 -5.78 3.08
C LEU A 29 7.30 -7.12 3.72
N LYS A 30 6.25 -7.89 4.01
CA LYS A 30 6.39 -9.28 4.43
C LYS A 30 6.94 -10.14 3.30
N ASN A 31 6.46 -9.89 2.09
CA ASN A 31 7.00 -10.55 0.90
C ASN A 31 8.44 -10.12 0.64
N PHE A 32 8.71 -8.84 0.90
CA PHE A 32 10.08 -8.34 0.90
C PHE A 32 10.95 -9.09 1.90
N GLY A 33 10.47 -9.19 3.14
CA GLY A 33 11.24 -9.79 4.21
C GLY A 33 12.21 -8.79 4.83
N ALA A 34 11.78 -7.53 4.93
CA ALA A 34 12.66 -6.46 5.38
C ALA A 34 13.29 -6.78 6.73
N LYS A 35 14.62 -6.81 6.76
CA LYS A 35 15.36 -7.00 8.00
C LYS A 35 15.54 -5.69 8.74
N ALA A 36 16.20 -5.75 9.90
CA ALA A 36 16.46 -4.56 10.69
C ALA A 36 17.19 -3.50 9.88
N GLN A 37 18.01 -3.95 8.93
CA GLN A 37 18.80 -3.03 8.11
C GLN A 37 18.00 -2.54 6.91
N ASP A 38 16.89 -3.22 6.64
CA ASP A 38 16.04 -2.86 5.50
C ASP A 38 14.89 -1.96 5.94
N VAL A 39 14.52 -2.06 7.21
CA VAL A 39 13.42 -1.27 7.75
C VAL A 39 13.91 0.08 8.26
N GLY A 40 13.18 1.14 7.92
CA GLY A 40 13.52 2.48 8.39
C GLY A 40 12.99 2.73 9.80
N VAL A 41 12.54 3.95 10.05
CA VAL A 41 12.01 4.32 11.35
C VAL A 41 10.86 3.39 11.76
N ASP A 42 9.92 3.20 10.85
CA ASP A 42 8.78 2.32 11.09
C ASP A 42 8.37 1.58 9.83
N GLY A 43 9.31 1.47 8.88
CA GLY A 43 9.04 0.80 7.61
C GLY A 43 8.08 1.60 6.75
N ALA A 44 6.84 1.14 6.66
CA ALA A 44 5.81 1.84 5.90
C ALA A 44 5.27 3.04 6.68
N TRP A 45 5.14 4.17 5.99
CA TRP A 45 4.48 5.34 6.56
C TRP A 45 3.02 5.42 6.11
N THR A 46 2.12 5.61 7.08
CA THR A 46 0.70 5.51 6.82
C THR A 46 0.08 6.87 6.50
N TYR A 47 -0.52 6.98 5.32
CA TYR A 47 -1.26 8.18 4.95
C TYR A 47 -2.61 7.80 4.32
N SER A 48 -3.43 8.83 4.08
CA SER A 48 -4.76 8.61 3.50
C SER A 48 -5.13 9.75 2.57
N ASP A 49 -6.04 9.48 1.65
CA ASP A 49 -6.48 10.48 0.68
C ASP A 49 -7.76 10.04 -0.03
N PRO A 50 -8.89 10.48 0.47
CA PRO A 50 -10.18 10.21 -0.17
C PRO A 50 -10.17 10.67 -1.63
N THR A 51 -11.02 10.04 -2.44
CA THR A 51 -11.06 10.33 -3.87
C THR A 51 -11.78 11.65 -4.13
N LYS A 52 -11.53 12.22 -5.32
CA LYS A 52 -12.25 13.41 -5.75
C LYS A 52 -13.40 13.05 -6.68
N THR A 53 -13.63 11.76 -6.85
CA THR A 53 -14.65 11.28 -7.79
C THR A 53 -15.83 10.65 -7.06
N PHE A 54 -15.52 9.78 -6.09
CA PHE A 54 -16.56 9.08 -5.34
C PHE A 54 -16.44 9.38 -3.85
N PRO A 55 -17.46 10.04 -3.30
CA PRO A 55 -17.52 10.30 -1.87
C PRO A 55 -17.38 9.00 -1.08
N VAL A 56 -17.89 7.91 -1.64
CA VAL A 56 -17.82 6.61 -0.98
C VAL A 56 -16.44 5.98 -1.15
N GLY A 57 -15.77 6.32 -2.24
CA GLY A 57 -14.47 5.73 -2.56
C GLY A 57 -13.36 6.42 -1.77
N TYR A 58 -12.45 5.62 -1.23
CA TYR A 58 -11.33 6.14 -0.45
C TYR A 58 -10.00 5.58 -0.93
N ARG A 59 -8.92 6.31 -0.66
CA ARG A 59 -7.58 5.83 -0.96
C ARG A 59 -6.68 5.87 0.28
N LEU A 60 -5.80 4.89 0.40
CA LEU A 60 -4.78 4.90 1.44
C LEU A 60 -3.39 4.86 0.85
N ILE A 61 -2.47 5.63 1.42
CA ILE A 61 -1.15 5.81 0.86
C ILE A 61 -0.07 5.36 1.84
N PHE A 62 0.75 4.40 1.42
CA PHE A 62 1.78 3.83 2.28
C PHE A 62 3.17 4.02 1.67
N LYS A 63 4.02 4.74 2.39
CA LYS A 63 5.40 4.94 1.95
C LYS A 63 6.31 3.81 2.44
N VAL A 64 6.51 2.82 1.58
CA VAL A 64 7.23 1.61 1.97
C VAL A 64 8.69 1.69 1.52
N GLU A 65 9.50 0.73 1.98
CA GLU A 65 10.90 0.65 1.58
C GLU A 65 11.21 -0.70 0.97
N MET A 66 11.08 -0.81 -0.35
CA MET A 66 11.38 -2.05 -1.06
C MET A 66 12.30 -1.79 -2.25
N PRO A 67 13.03 -2.82 -2.66
CA PRO A 67 13.95 -2.71 -3.78
C PRO A 67 13.22 -2.82 -5.10
N GLU A 68 13.86 -2.39 -6.18
CA GLU A 68 13.29 -2.49 -7.51
C GLU A 68 13.08 -3.94 -7.93
N ASP A 69 13.93 -4.83 -7.40
CA ASP A 69 13.85 -6.25 -7.71
C ASP A 69 12.54 -6.84 -7.22
N ARG A 70 11.97 -6.23 -6.18
CA ARG A 70 10.79 -6.78 -5.51
C ARG A 70 9.56 -5.94 -5.79
N VAL A 71 9.76 -4.77 -6.39
CA VAL A 71 8.68 -3.84 -6.65
C VAL A 71 7.55 -4.51 -7.43
N ASN A 72 7.89 -5.56 -8.16
CA ASN A 72 6.89 -6.37 -8.85
C ASN A 72 6.04 -7.16 -7.87
N ASP A 73 6.69 -7.68 -6.82
CA ASP A 73 5.98 -8.37 -5.74
C ASP A 73 5.23 -7.36 -4.86
N LEU A 74 5.78 -6.16 -4.75
CA LEU A 74 5.07 -5.05 -4.14
C LEU A 74 3.73 -4.80 -4.84
N ALA A 75 3.80 -4.50 -6.13
CA ALA A 75 2.60 -4.22 -6.93
C ALA A 75 1.73 -5.48 -7.03
N ARG A 76 2.36 -6.64 -7.06
CA ARG A 76 1.63 -7.90 -7.11
C ARG A 76 0.81 -8.13 -5.85
N GLN A 77 1.45 -8.02 -4.70
CA GLN A 77 0.77 -8.16 -3.42
C GLN A 77 -0.24 -7.03 -3.22
N LEU A 78 0.08 -5.85 -3.71
CA LEU A 78 -0.78 -4.68 -3.55
C LEU A 78 -2.10 -4.88 -4.28
N ARG A 79 -2.03 -5.31 -5.53
CA ARG A 79 -3.22 -5.52 -6.35
C ARG A 79 -3.78 -6.92 -6.15
N GLN A 80 -3.13 -7.70 -5.28
CA GLN A 80 -3.63 -9.01 -4.91
C GLN A 80 -4.90 -8.91 -4.08
N ARG A 81 -4.99 -7.88 -3.26
CA ARG A 81 -6.09 -7.73 -2.32
C ARG A 81 -7.39 -7.46 -3.05
N ASP A 82 -8.43 -8.22 -2.70
CA ASP A 82 -9.69 -8.18 -3.41
C ASP A 82 -10.43 -6.87 -3.15
N ASN A 83 -10.36 -6.41 -1.90
CA ASN A 83 -11.07 -5.19 -1.51
C ASN A 83 -10.36 -3.95 -2.04
N VAL A 84 -9.07 -4.07 -2.31
CA VAL A 84 -8.33 -3.03 -3.02
C VAL A 84 -8.72 -3.00 -4.49
N SER A 85 -9.01 -1.80 -4.99
CA SER A 85 -9.45 -1.63 -6.37
C SER A 85 -8.25 -1.53 -7.32
N ARG A 86 -7.36 -0.60 -7.04
CA ARG A 86 -6.21 -0.36 -7.91
C ARG A 86 -5.11 0.38 -7.16
N VAL A 87 -3.87 -0.08 -7.33
CA VAL A 87 -2.74 0.50 -6.63
C VAL A 87 -1.69 1.00 -7.63
N GLU A 88 -1.17 2.21 -7.37
CA GLU A 88 -0.09 2.76 -8.17
C GLU A 88 1.10 3.13 -7.30
N VAL A 89 2.28 2.66 -7.69
CA VAL A 89 3.49 2.87 -6.90
C VAL A 89 4.42 3.87 -7.57
N THR A 90 4.95 4.80 -6.79
CA THR A 90 5.86 5.81 -7.31
C THR A 90 7.12 5.91 -6.44
N ARG A 91 8.27 5.93 -7.10
CA ARG A 91 9.56 5.90 -6.40
C ARG A 91 9.81 7.21 -5.67
N TYR A 92 9.79 7.14 -4.34
CA TYR A 92 10.03 8.32 -3.52
C TYR A 92 11.51 8.71 -3.52
N LYS A 93 12.37 7.73 -3.27
CA LYS A 93 13.80 7.97 -3.21
C LYS A 93 14.58 6.86 -3.90
N GLY A 1 15.86 2.36 -2.61
CA GLY A 1 15.06 3.53 -2.95
C GLY A 1 13.74 3.53 -2.21
N ILE A 2 13.13 4.71 -2.09
CA ILE A 2 11.86 4.84 -1.36
C ILE A 2 10.70 5.04 -2.32
N TYR A 3 9.64 4.26 -2.12
CA TYR A 3 8.47 4.32 -2.98
C TYR A 3 7.23 4.71 -2.21
N THR A 4 6.29 5.38 -2.88
CA THR A 4 5.03 5.77 -2.27
C THR A 4 3.84 5.18 -3.02
N VAL A 5 3.03 4.41 -2.30
CA VAL A 5 1.96 3.65 -2.93
C VAL A 5 0.66 4.45 -2.98
N LYS A 6 0.10 4.58 -4.18
CA LYS A 6 -1.23 5.17 -4.35
C LYS A 6 -2.29 4.08 -4.49
N ILE A 7 -3.03 3.85 -3.41
CA ILE A 7 -4.02 2.78 -3.39
C ILE A 7 -5.41 3.31 -3.70
N VAL A 8 -6.00 2.83 -4.79
CA VAL A 8 -7.37 3.20 -5.14
C VAL A 8 -8.36 2.12 -4.72
N LEU A 9 -9.35 2.51 -3.93
CA LEU A 9 -10.28 1.56 -3.35
C LEU A 9 -11.57 1.49 -4.16
N ASN A 10 -12.07 0.28 -4.35
CA ASN A 10 -13.32 0.07 -5.07
C ASN A 10 -14.50 0.67 -4.30
N PRO A 11 -15.38 1.34 -5.03
CA PRO A 11 -16.49 2.05 -4.40
C PRO A 11 -17.32 1.12 -3.52
N LYS A 12 -17.44 -0.13 -3.96
CA LYS A 12 -18.37 -1.07 -3.32
C LYS A 12 -17.64 -1.95 -2.31
N THR A 13 -16.63 -1.38 -1.66
CA THR A 13 -15.87 -2.10 -0.64
C THR A 13 -15.79 -1.28 0.66
N ASN A 14 -15.16 -1.86 1.67
CA ASN A 14 -15.17 -1.28 3.00
C ASN A 14 -13.75 -0.99 3.49
N LYS A 15 -13.37 0.28 3.48
CA LYS A 15 -12.04 0.68 3.94
C LYS A 15 -11.91 0.53 5.45
N GLY A 16 -13.04 0.27 6.11
CA GLY A 16 -13.03 0.02 7.55
C GLY A 16 -12.30 -1.29 7.87
N GLU A 17 -12.24 -2.18 6.90
CA GLU A 17 -11.47 -3.41 7.04
C GLU A 17 -10.00 -3.17 6.72
N LEU A 18 -9.73 -2.14 5.92
CA LEU A 18 -8.36 -1.81 5.53
C LEU A 18 -7.64 -1.05 6.64
N THR A 19 -8.26 -0.97 7.80
CA THR A 19 -7.56 -0.57 9.02
C THR A 19 -6.93 -1.77 9.70
N THR A 20 -7.40 -2.97 9.38
CA THR A 20 -6.77 -4.19 9.84
C THR A 20 -6.29 -5.03 8.66
N GLU A 21 -6.55 -4.55 7.45
CA GLU A 21 -6.13 -5.25 6.24
C GLU A 21 -5.19 -4.39 5.41
N ALA A 22 -4.54 -3.43 6.06
CA ALA A 22 -3.44 -2.71 5.44
C ALA A 22 -2.10 -3.39 5.74
N VAL A 23 -2.10 -4.72 5.70
CA VAL A 23 -0.94 -5.50 6.11
C VAL A 23 -0.52 -6.48 5.02
N ASP A 24 -1.20 -6.41 3.88
CA ASP A 24 -0.74 -7.07 2.66
C ASP A 24 0.55 -6.44 2.15
N ALA A 25 0.74 -5.16 2.44
CA ALA A 25 2.02 -4.49 2.22
C ALA A 25 3.03 -4.90 3.28
N ALA A 26 2.55 -5.13 4.49
CA ALA A 26 3.37 -5.75 5.53
C ALA A 26 3.73 -7.18 5.17
N THR A 27 2.87 -7.82 4.38
CA THR A 27 3.16 -9.15 3.84
C THR A 27 4.06 -9.05 2.60
N ALA A 28 3.93 -7.94 1.88
CA ALA A 28 4.89 -7.60 0.84
C ALA A 28 6.27 -7.34 1.42
N LEU A 29 6.31 -6.69 2.58
CA LEU A 29 7.55 -6.52 3.33
C LEU A 29 8.03 -7.84 3.92
N LYS A 30 7.07 -8.69 4.30
CA LYS A 30 7.38 -10.05 4.73
C LYS A 30 7.97 -10.87 3.59
N ASN A 31 7.42 -10.69 2.39
CA ASN A 31 7.97 -11.30 1.19
C ASN A 31 9.31 -10.68 0.81
N PHE A 32 9.43 -9.38 1.06
CA PHE A 32 10.71 -8.69 0.91
C PHE A 32 11.77 -9.27 1.85
N GLY A 33 11.38 -9.48 3.09
CA GLY A 33 12.28 -10.06 4.09
C GLY A 33 12.63 -9.06 5.17
N ALA A 34 11.82 -8.01 5.29
CA ALA A 34 12.06 -6.96 6.26
C ALA A 34 11.47 -7.32 7.62
N LYS A 35 12.29 -7.21 8.66
CA LYS A 35 11.82 -7.43 10.02
C LYS A 35 11.21 -6.16 10.61
N ALA A 36 10.72 -6.25 11.84
CA ALA A 36 10.11 -5.12 12.52
C ALA A 36 11.11 -3.98 12.70
N GLN A 37 12.37 -4.34 12.95
CA GLN A 37 13.44 -3.36 13.07
C GLN A 37 13.81 -2.78 11.72
N ASP A 38 13.74 -3.61 10.68
CA ASP A 38 14.07 -3.18 9.33
C ASP A 38 13.09 -2.13 8.82
N VAL A 39 11.81 -2.34 9.10
CA VAL A 39 10.77 -1.43 8.63
C VAL A 39 10.67 -0.20 9.53
N GLY A 40 11.18 -0.32 10.75
CA GLY A 40 11.28 0.81 11.65
C GLY A 40 12.37 1.78 11.20
N VAL A 41 13.50 1.21 10.74
CA VAL A 41 14.60 2.02 10.22
C VAL A 41 14.28 2.52 8.81
N ASP A 42 13.76 1.63 7.97
CA ASP A 42 13.45 1.97 6.59
C ASP A 42 12.32 3.00 6.51
N GLY A 43 12.23 3.69 5.38
CA GLY A 43 11.23 4.74 5.21
C GLY A 43 9.85 4.15 4.99
N ALA A 44 9.25 3.63 6.06
CA ALA A 44 7.91 3.07 5.99
C ALA A 44 6.90 3.99 6.68
N TRP A 45 5.71 4.09 6.11
CA TRP A 45 4.66 4.94 6.67
C TRP A 45 3.30 4.60 6.06
N THR A 46 2.28 4.50 6.91
CA THR A 46 0.92 4.29 6.45
C THR A 46 0.08 5.56 6.61
N TYR A 47 -0.60 5.94 5.55
CA TYR A 47 -1.37 7.18 5.53
C TYR A 47 -2.55 7.09 4.59
N SER A 48 -3.76 7.27 5.12
CA SER A 48 -4.96 7.38 4.30
C SER A 48 -5.08 8.75 3.67
N ASP A 49 -5.78 8.83 2.54
CA ASP A 49 -5.89 10.07 1.78
C ASP A 49 -7.34 10.49 1.62
N PRO A 50 -7.85 11.24 2.58
CA PRO A 50 -9.24 11.67 2.56
C PRO A 50 -9.44 12.85 1.60
N THR A 51 -8.33 13.47 1.22
CA THR A 51 -8.39 14.73 0.47
C THR A 51 -8.45 14.47 -1.03
N LYS A 52 -8.04 13.28 -1.44
CA LYS A 52 -8.06 12.92 -2.85
C LYS A 52 -8.85 11.63 -3.08
N THR A 53 -9.96 11.49 -2.35
CA THR A 53 -10.87 10.37 -2.56
C THR A 53 -11.76 10.62 -3.77
N PHE A 54 -12.57 9.62 -4.11
CA PHE A 54 -13.46 9.71 -5.26
C PHE A 54 -14.90 9.93 -4.83
N PRO A 55 -15.73 10.38 -5.77
CA PRO A 55 -17.13 10.66 -5.48
C PRO A 55 -17.80 9.46 -4.82
N VAL A 56 -17.40 8.26 -5.22
CA VAL A 56 -17.97 7.04 -4.67
C VAL A 56 -16.87 6.11 -4.14
N GLY A 57 -15.64 6.37 -4.57
CA GLY A 57 -14.52 5.51 -4.19
C GLY A 57 -13.67 6.15 -3.10
N TYR A 58 -12.59 5.48 -2.73
CA TYR A 58 -11.71 5.98 -1.67
C TYR A 58 -10.24 5.81 -2.06
N ARG A 59 -9.35 6.35 -1.24
CA ARG A 59 -7.93 6.37 -1.55
C ARG A 59 -7.09 6.20 -0.30
N LEU A 60 -6.14 5.27 -0.35
CA LEU A 60 -5.13 5.14 0.71
C LEU A 60 -3.73 5.36 0.16
N ILE A 61 -2.80 5.70 1.05
CA ILE A 61 -1.40 5.83 0.68
C ILE A 61 -0.50 4.99 1.58
N PHE A 62 0.48 4.34 0.98
CA PHE A 62 1.44 3.55 1.73
C PHE A 62 2.87 3.86 1.30
N LYS A 63 3.58 4.64 2.13
CA LYS A 63 4.92 5.09 1.80
C LYS A 63 5.97 4.17 2.43
N VAL A 64 6.68 3.43 1.58
CA VAL A 64 7.55 2.36 2.06
C VAL A 64 8.82 2.28 1.22
N GLU A 65 9.93 1.89 1.86
CA GLU A 65 11.21 1.80 1.18
C GLU A 65 11.49 0.36 0.73
N MET A 66 11.20 0.08 -0.55
CA MET A 66 11.30 -1.26 -1.08
C MET A 66 11.90 -1.26 -2.48
N PRO A 67 12.54 -2.38 -2.85
CA PRO A 67 13.09 -2.53 -4.18
C PRO A 67 11.99 -2.74 -5.22
N GLU A 68 12.25 -2.28 -6.44
CA GLU A 68 11.24 -2.33 -7.50
C GLU A 68 10.66 -3.73 -7.66
N ASP A 69 11.53 -4.74 -7.55
CA ASP A 69 11.10 -6.12 -7.70
C ASP A 69 10.03 -6.49 -6.68
N ARG A 70 10.14 -5.92 -5.49
CA ARG A 70 9.19 -6.20 -4.41
C ARG A 70 8.08 -5.17 -4.37
N VAL A 71 8.29 -4.05 -5.05
CA VAL A 71 7.23 -3.06 -5.24
C VAL A 71 6.14 -3.59 -6.17
N ASN A 72 6.53 -4.43 -7.12
CA ASN A 72 5.58 -5.13 -7.96
C ASN A 72 4.72 -6.09 -7.15
N ASP A 73 5.34 -6.73 -6.16
CA ASP A 73 4.61 -7.58 -5.24
C ASP A 73 3.90 -6.77 -4.17
N LEU A 74 4.46 -5.62 -3.84
CA LEU A 74 3.80 -4.67 -2.96
C LEU A 74 2.42 -4.30 -3.46
N ALA A 75 2.34 -3.87 -4.72
CA ALA A 75 1.07 -3.55 -5.34
C ALA A 75 0.25 -4.81 -5.60
N ARG A 76 0.93 -5.90 -5.90
CA ARG A 76 0.27 -7.18 -6.14
C ARG A 76 -0.49 -7.65 -4.91
N GLN A 77 0.16 -7.56 -3.75
CA GLN A 77 -0.44 -8.00 -2.50
C GLN A 77 -1.53 -7.03 -2.05
N LEU A 78 -1.26 -5.73 -2.19
CA LEU A 78 -2.20 -4.71 -1.78
C LEU A 78 -3.47 -4.75 -2.64
N ARG A 79 -3.28 -4.91 -3.94
CA ARG A 79 -4.40 -5.01 -4.87
C ARG A 79 -5.14 -6.33 -4.72
N GLN A 80 -4.42 -7.34 -4.26
CA GLN A 80 -5.02 -8.66 -4.05
C GLN A 80 -6.18 -8.59 -3.07
N ARG A 81 -6.10 -7.66 -2.12
CA ARG A 81 -7.18 -7.44 -1.18
C ARG A 81 -8.47 -7.05 -1.89
N ASP A 82 -9.57 -7.65 -1.49
CA ASP A 82 -10.84 -7.52 -2.20
C ASP A 82 -11.55 -6.22 -1.83
N ASN A 83 -10.89 -5.41 -1.03
CA ASN A 83 -11.39 -4.07 -0.71
C ASN A 83 -10.68 -3.01 -1.53
N VAL A 84 -9.79 -3.45 -2.42
CA VAL A 84 -8.97 -2.54 -3.22
C VAL A 84 -9.28 -2.68 -4.70
N SER A 85 -9.37 -1.55 -5.39
CA SER A 85 -9.63 -1.55 -6.83
C SER A 85 -8.34 -1.69 -7.62
N ARG A 86 -7.39 -0.80 -7.36
CA ARG A 86 -6.16 -0.73 -8.14
C ARG A 86 -5.05 -0.03 -7.36
N VAL A 87 -3.89 -0.67 -7.30
CA VAL A 87 -2.74 -0.10 -6.61
C VAL A 87 -1.68 0.37 -7.61
N GLU A 88 -1.31 1.64 -7.52
CA GLU A 88 -0.26 2.20 -8.36
C GLU A 88 0.82 2.86 -7.53
N VAL A 89 2.06 2.36 -7.66
CA VAL A 89 3.16 2.81 -6.83
C VAL A 89 4.05 3.80 -7.58
N THR A 90 4.39 4.89 -6.92
CA THR A 90 5.31 5.88 -7.49
C THR A 90 6.63 5.92 -6.73
N ARG A 91 7.63 6.53 -7.34
CA ARG A 91 8.97 6.61 -6.75
C ARG A 91 9.17 7.93 -6.00
N TYR A 92 9.63 7.84 -4.76
CA TYR A 92 9.83 9.01 -3.93
C TYR A 92 11.30 9.43 -3.92
N LYS A 93 12.18 8.47 -3.67
CA LYS A 93 13.61 8.74 -3.57
C LYS A 93 14.43 7.66 -4.26
#